data_3I6B
#
_entry.id   3I6B
#
_cell.length_a   64.964
_cell.length_b   144.104
_cell.length_c   145.854
_cell.angle_alpha   90.00
_cell.angle_beta   90.00
_cell.angle_gamma   90.00
#
_symmetry.space_group_name_H-M   'C 2 2 21'
#
loop_
_entity.id
_entity.type
_entity.pdbx_description
1 polymer '3-deoxy-D-manno-octulosonate 8-phosphate phosphatase'
2 non-polymer 'MAGNESIUM ION'
3 non-polymer 'PHOSPHATE ION'
4 non-polymer '3-deoxy-alpha-D-manno-oct-2-ulopyranosonic acid'
5 water water
#
_entity_poly.entity_id   1
_entity_poly.type   'polypeptide(L)'
_entity_poly.pdbx_seq_one_letter_code
;MSKAGASLATCYGPVSADVMAKAENIRLLILDVDGVLSDGLIYMGNNGEELKAFNVRDGYGIRCALTSDIEVAIITGRKA
KLVEDRCATLGITHLYQGQSNKLIAFSDLLEKLAIAPENVAYVGDDLIDWPVMEKVGLSVAVADAHPLLIPRADYVTRIA
GGRGAVREVCDLLLLAQGKL
;
_entity_poly.pdbx_strand_id   A,B,C,D
#
# COMPACT_ATOMS: atom_id res chain seq x y z
N SER A 7 3.62 -4.65 -33.30
CA SER A 7 4.70 -5.23 -34.15
C SER A 7 6.13 -4.88 -33.70
N LEU A 8 6.27 -3.98 -32.72
CA LEU A 8 7.57 -3.60 -32.16
C LEU A 8 7.73 -4.06 -30.71
N ALA A 9 8.79 -4.80 -30.44
CA ALA A 9 9.07 -5.28 -29.08
C ALA A 9 9.66 -4.19 -28.18
N THR A 10 9.12 -4.08 -26.96
CA THR A 10 9.74 -3.28 -25.91
C THR A 10 9.88 -4.15 -24.66
N CYS A 11 10.51 -3.61 -23.61
CA CYS A 11 10.76 -4.38 -22.39
C CYS A 11 9.53 -4.50 -21.50
N TYR A 12 8.46 -3.79 -21.88
CA TYR A 12 7.17 -3.90 -21.21
C TYR A 12 6.20 -4.71 -22.05
N GLY A 13 6.62 -5.03 -23.26
CA GLY A 13 5.79 -5.78 -24.18
C GLY A 13 5.71 -5.11 -25.55
N PRO A 14 5.04 -5.77 -26.52
CA PRO A 14 4.85 -5.26 -27.87
C PRO A 14 4.04 -3.96 -27.93
N VAL A 15 4.53 -3.01 -28.74
CA VAL A 15 3.80 -1.78 -29.05
C VAL A 15 3.61 -1.69 -30.56
N SER A 16 2.54 -1.03 -30.98
CA SER A 16 2.27 -0.85 -32.40
C SER A 16 3.23 0.17 -33.00
N ALA A 17 3.54 0.00 -34.28
CA ALA A 17 4.40 0.94 -35.02
C ALA A 17 3.82 2.35 -34.99
N ASP A 18 2.50 2.44 -34.93
CA ASP A 18 1.77 3.70 -34.88
C ASP A 18 2.11 4.46 -33.60
N VAL A 19 2.06 3.77 -32.46
CA VAL A 19 2.40 4.36 -31.17
C VAL A 19 3.87 4.83 -31.15
N MET A 20 4.74 4.03 -31.75
CA MET A 20 6.17 4.31 -31.81
C MET A 20 6.45 5.56 -32.66
N ALA A 21 5.75 5.69 -33.79
CA ALA A 21 5.83 6.86 -34.66
C ALA A 21 5.37 8.16 -33.97
N LYS A 22 4.26 8.06 -33.23
CA LYS A 22 3.78 9.16 -32.42
C LYS A 22 4.82 9.58 -31.38
N ALA A 23 5.46 8.58 -30.76
CA ALA A 23 6.41 8.77 -29.67
C ALA A 23 7.72 9.38 -30.15
N GLU A 24 8.09 9.07 -31.39
CA GLU A 24 9.29 9.61 -32.02
C GLU A 24 9.21 11.13 -32.13
N ASN A 25 7.99 11.66 -32.26
CA ASN A 25 7.75 13.07 -32.53
C ASN A 25 7.51 13.94 -31.28
N ILE A 26 7.64 13.35 -30.10
CA ILE A 26 7.29 14.02 -28.84
C ILE A 26 8.42 14.93 -28.32
N ARG A 27 8.09 16.21 -28.11
CA ARG A 27 9.04 17.19 -27.55
C ARG A 27 8.62 17.64 -26.15
N LEU A 28 7.43 17.21 -25.72
CA LEU A 28 6.89 17.55 -24.40
C LEU A 28 6.02 16.42 -23.82
N LEU A 29 6.37 16.02 -22.60
CA LEU A 29 5.61 15.04 -21.86
C LEU A 29 4.84 15.76 -20.76
N ILE A 30 3.51 15.77 -20.85
CA ILE A 30 2.69 16.35 -19.79
C ILE A 30 2.17 15.24 -18.87
N LEU A 31 2.32 15.44 -17.57
CA LEU A 31 1.88 14.45 -16.60
C LEU A 31 0.86 14.99 -15.63
N ASP A 32 -0.10 14.12 -15.30
CA ASP A 32 -0.93 14.27 -14.11
C ASP A 32 -0.09 13.92 -12.89
N VAL A 33 -0.47 14.45 -11.74
CA VAL A 33 0.11 14.02 -10.48
C VAL A 33 -0.67 12.81 -9.97
N ASP A 34 -1.88 13.08 -9.46
CA ASP A 34 -2.65 12.11 -8.70
C ASP A 34 -3.14 10.94 -9.57
N GLY A 35 -2.54 9.77 -9.34
CA GLY A 35 -2.94 8.56 -10.05
C GLY A 35 -2.02 8.22 -11.19
N VAL A 36 -1.06 9.10 -11.46
CA VAL A 36 -0.09 8.86 -12.52
C VAL A 36 1.32 8.85 -11.91
N LEU A 37 1.65 9.90 -11.18
CA LEU A 37 2.92 9.97 -10.44
C LEU A 37 2.78 9.35 -9.06
N SER A 38 1.55 9.35 -8.54
CA SER A 38 1.21 8.66 -7.30
C SER A 38 0.15 7.59 -7.63
N ASP A 39 -0.27 6.81 -6.64
CA ASP A 39 -1.29 5.77 -6.87
C ASP A 39 -2.73 6.25 -6.64
N GLY A 40 -2.89 7.54 -6.38
CA GLY A 40 -4.21 8.14 -6.21
C GLY A 40 -4.57 8.43 -4.77
N LEU A 41 -3.73 7.99 -3.84
CA LEU A 41 -4.01 8.20 -2.42
C LEU A 41 -3.53 9.55 -1.93
N ILE A 42 -4.35 10.15 -1.05
CA ILE A 42 -4.02 11.39 -0.38
C ILE A 42 -4.08 11.13 1.12
N TYR A 43 -2.91 11.21 1.77
CA TYR A 43 -2.81 11.02 3.21
C TYR A 43 -3.08 12.35 3.88
N MET A 44 -4.10 12.39 4.74
CA MET A 44 -4.50 13.60 5.46
C MET A 44 -4.51 13.31 6.97
N GLY A 45 -3.99 14.24 7.77
CA GLY A 45 -3.88 14.06 9.21
C GLY A 45 -4.62 15.09 10.04
N ASN A 46 -4.70 14.85 11.34
CA ASN A 46 -5.45 15.73 12.27
C ASN A 46 -4.79 17.08 12.59
N ASN A 47 -3.58 17.30 12.10
CA ASN A 47 -2.91 18.59 12.26
C ASN A 47 -2.89 19.40 10.96
N GLY A 48 -3.51 18.83 9.92
CA GLY A 48 -3.52 19.44 8.60
C GLY A 48 -2.42 18.91 7.70
N GLU A 49 -1.76 17.83 8.13
CA GLU A 49 -0.72 17.20 7.30
C GLU A 49 -1.34 16.70 6.02
N GLU A 50 -0.59 16.80 4.94
CA GLU A 50 -0.97 16.20 3.67
C GLU A 50 0.27 15.57 3.06
N LEU A 51 0.16 14.27 2.76
CA LEU A 51 1.25 13.54 2.14
C LEU A 51 0.80 12.92 0.81
N LYS A 52 1.77 12.64 -0.04
CA LYS A 52 1.53 11.89 -1.25
C LYS A 52 2.73 10.96 -1.47
N ALA A 53 2.51 9.83 -2.11
CA ALA A 53 3.59 8.87 -2.36
C ALA A 53 4.04 8.87 -3.82
N PHE A 54 5.28 9.30 -4.04
CA PHE A 54 5.90 9.28 -5.37
C PHE A 54 6.81 8.07 -5.56
N ASN A 55 6.94 7.63 -6.80
CA ASN A 55 7.79 6.50 -7.16
C ASN A 55 9.16 6.98 -7.61
N VAL A 56 10.21 6.40 -7.04
CA VAL A 56 11.57 6.86 -7.34
C VAL A 56 12.05 6.48 -8.74
N ARG A 57 11.59 5.34 -9.26
CA ARG A 57 11.98 4.90 -10.60
C ARG A 57 11.41 5.81 -11.68
N ASP A 58 10.21 6.34 -11.44
CA ASP A 58 9.62 7.38 -12.30
C ASP A 58 10.53 8.60 -12.40
N GLY A 59 11.18 8.93 -11.28
CA GLY A 59 12.07 10.07 -11.21
C GLY A 59 13.24 9.98 -12.17
N TYR A 60 13.91 8.83 -12.15
CA TYR A 60 15.03 8.56 -13.05
C TYR A 60 14.60 8.68 -14.52
N GLY A 61 13.44 8.13 -14.85
CA GLY A 61 12.87 8.24 -16.19
C GLY A 61 12.65 9.70 -16.58
N ILE A 62 12.02 10.46 -15.70
CA ILE A 62 11.83 11.91 -15.88
C ILE A 62 13.15 12.65 -16.08
N ARG A 63 14.18 12.28 -15.31
CA ARG A 63 15.49 12.90 -15.41
C ARG A 63 16.14 12.59 -16.75
N CYS A 64 15.96 11.36 -17.23
CA CYS A 64 16.42 10.94 -18.55
C CYS A 64 15.71 11.69 -19.69
N ALA A 65 14.39 11.84 -19.58
CA ALA A 65 13.62 12.65 -20.54
C ALA A 65 14.18 14.07 -20.66
N LEU A 66 14.40 14.72 -19.52
CA LEU A 66 14.85 16.11 -19.48
C LEU A 66 16.24 16.29 -20.06
N THR A 67 17.12 15.31 -19.83
CA THR A 67 18.47 15.32 -20.36
C THR A 67 18.51 14.80 -21.80
N SER A 68 17.34 14.42 -22.33
CA SER A 68 17.23 13.93 -23.71
C SER A 68 16.30 14.77 -24.59
N ASP A 69 16.27 16.08 -24.34
CA ASP A 69 15.58 17.05 -25.20
C ASP A 69 14.06 16.90 -25.18
N ILE A 70 13.54 16.25 -24.15
CA ILE A 70 12.11 16.15 -23.94
C ILE A 70 11.73 16.94 -22.69
N GLU A 71 10.93 17.98 -22.88
CA GLU A 71 10.42 18.75 -21.76
C GLU A 71 9.34 17.99 -21.03
N VAL A 72 9.25 18.23 -19.72
CA VAL A 72 8.28 17.56 -18.87
C VAL A 72 7.49 18.62 -18.12
N ALA A 73 6.16 18.52 -18.18
CA ALA A 73 5.31 19.48 -17.50
C ALA A 73 4.27 18.76 -16.64
N ILE A 74 3.79 19.48 -15.62
CA ILE A 74 2.75 18.96 -14.76
C ILE A 74 1.55 19.91 -14.70
N ILE A 75 0.38 19.39 -15.07
CA ILE A 75 -0.89 20.12 -14.91
C ILE A 75 -1.74 19.32 -13.94
N THR A 76 -2.13 19.96 -12.83
CA THR A 76 -2.90 19.29 -11.78
C THR A 76 -4.03 20.17 -11.23
N GLY A 77 -5.11 19.52 -10.81
CA GLY A 77 -6.27 20.20 -10.24
C GLY A 77 -6.06 20.64 -8.80
N ARG A 78 -5.25 19.88 -8.06
CA ARG A 78 -4.93 20.19 -6.67
C ARG A 78 -3.78 21.17 -6.56
N LYS A 79 -3.63 21.76 -5.37
CA LYS A 79 -2.50 22.65 -5.08
C LYS A 79 -1.80 22.21 -3.79
N ALA A 80 -0.49 22.00 -3.88
CA ALA A 80 0.30 21.53 -2.73
C ALA A 80 1.78 21.84 -2.91
N LYS A 81 2.42 22.28 -1.82
CA LYS A 81 3.87 22.53 -1.81
C LYS A 81 4.70 21.26 -2.09
N LEU A 82 4.18 20.12 -1.66
CA LEU A 82 4.86 18.84 -1.85
C LEU A 82 5.10 18.51 -3.33
N VAL A 83 4.17 18.95 -4.18
CA VAL A 83 4.29 18.78 -5.63
C VAL A 83 5.37 19.73 -6.15
N GLU A 84 5.40 20.95 -5.64
CA GLU A 84 6.43 21.92 -5.97
C GLU A 84 7.82 21.37 -5.57
N ASP A 85 7.90 20.74 -4.40
CA ASP A 85 9.14 20.14 -3.91
C ASP A 85 9.63 19.00 -4.79
N ARG A 86 8.71 18.14 -5.19
CA ARG A 86 9.01 17.02 -6.08
C ARG A 86 9.50 17.52 -7.44
N CYS A 87 8.91 18.59 -7.94
CA CYS A 87 9.34 19.19 -9.20
C CYS A 87 10.75 19.76 -9.14
N ALA A 88 11.05 20.48 -8.06
CA ALA A 88 12.39 21.03 -7.84
C ALA A 88 13.46 19.95 -7.82
N THR A 89 13.18 18.83 -7.14
CA THR A 89 14.08 17.67 -7.10
C THR A 89 14.39 17.15 -8.51
N LEU A 90 13.32 16.99 -9.30
CA LEU A 90 13.42 16.39 -10.61
C LEU A 90 13.88 17.36 -11.71
N GLY A 91 13.87 18.65 -11.41
CA GLY A 91 14.25 19.67 -12.39
C GLY A 91 13.13 20.04 -13.34
N ILE A 92 11.88 19.73 -12.94
CA ILE A 92 10.69 20.16 -13.69
C ILE A 92 10.39 21.61 -13.38
N THR A 93 10.36 22.44 -14.42
CA THR A 93 10.12 23.88 -14.26
C THR A 93 8.69 24.29 -14.66
N HIS A 94 8.05 23.48 -15.50
CA HIS A 94 6.69 23.78 -15.94
C HIS A 94 5.65 23.07 -15.07
N LEU A 95 5.09 23.83 -14.13
CA LEU A 95 4.12 23.30 -13.18
C LEU A 95 2.89 24.22 -13.12
N TYR A 96 1.72 23.62 -13.28
CA TYR A 96 0.45 24.35 -13.22
C TYR A 96 -0.46 23.64 -12.21
N GLN A 97 -0.72 24.32 -11.11
CA GLN A 97 -1.54 23.78 -10.03
C GLN A 97 -2.86 24.54 -9.89
N GLY A 98 -3.85 23.87 -9.30
CA GLY A 98 -5.18 24.46 -9.11
C GLY A 98 -5.94 24.63 -10.41
N GLN A 99 -5.68 23.74 -11.37
CA GLN A 99 -6.26 23.85 -12.70
C GLN A 99 -7.54 23.03 -12.83
N SER A 100 -8.68 23.73 -12.82
CA SER A 100 -9.97 23.08 -13.03
C SER A 100 -10.14 22.72 -14.51
N ASN A 101 -9.69 23.61 -15.39
CA ASN A 101 -9.68 23.37 -16.82
C ASN A 101 -8.24 23.22 -17.34
N LYS A 102 -7.89 22.00 -17.76
CA LYS A 102 -6.53 21.70 -18.16
C LYS A 102 -6.13 22.22 -19.55
N LEU A 103 -7.11 22.58 -20.38
CA LEU A 103 -6.86 23.14 -21.70
C LEU A 103 -6.15 24.50 -21.67
N ILE A 104 -6.38 25.26 -20.61
CA ILE A 104 -5.78 26.59 -20.48
C ILE A 104 -4.26 26.49 -20.28
N ALA A 105 -3.82 25.60 -19.40
CA ALA A 105 -2.39 25.35 -19.20
C ALA A 105 -1.77 24.75 -20.46
N PHE A 106 -2.49 23.83 -21.10
CA PHE A 106 -2.08 23.20 -22.35
C PHE A 106 -1.75 24.23 -23.42
N SER A 107 -2.68 25.16 -23.65
CA SER A 107 -2.50 26.27 -24.57
C SER A 107 -1.24 27.06 -24.27
N ASP A 108 -1.06 27.35 -22.98
CA ASP A 108 0.06 28.14 -22.51
C ASP A 108 1.40 27.46 -22.84
N LEU A 109 1.46 26.14 -22.66
CA LEU A 109 2.66 25.37 -22.94
C LEU A 109 3.01 25.35 -24.44
N LEU A 110 1.98 25.22 -25.29
CA LEU A 110 2.16 25.24 -26.73
C LEU A 110 2.85 26.53 -27.19
N GLU A 111 2.40 27.68 -26.69
CA GLU A 111 3.00 28.96 -27.09
C GLU A 111 4.38 29.19 -26.46
N LYS A 112 4.51 28.88 -25.17
CA LYS A 112 5.80 29.04 -24.48
C LYS A 112 6.91 28.19 -25.08
N LEU A 113 6.59 26.94 -25.41
CA LEU A 113 7.57 26.01 -25.97
C LEU A 113 7.61 26.01 -27.51
N ALA A 114 6.71 26.76 -28.13
CA ALA A 114 6.60 26.85 -29.60
C ALA A 114 6.44 25.50 -30.29
N ILE A 115 5.61 24.65 -29.71
CA ILE A 115 5.36 23.32 -30.27
C ILE A 115 3.90 23.16 -30.71
N ALA A 116 3.62 22.06 -31.41
CA ALA A 116 2.28 21.75 -31.87
C ALA A 116 1.70 20.63 -31.01
N PRO A 117 0.36 20.49 -30.99
CA PRO A 117 -0.24 19.42 -30.21
C PRO A 117 0.32 18.03 -30.52
N GLU A 118 0.56 17.74 -31.80
CA GLU A 118 1.12 16.45 -32.20
C GLU A 118 2.52 16.15 -31.63
N ASN A 119 3.18 17.20 -31.13
CA ASN A 119 4.48 17.08 -30.46
C ASN A 119 4.34 16.85 -28.96
N VAL A 120 3.12 16.63 -28.50
CA VAL A 120 2.84 16.49 -27.08
C VAL A 120 2.37 15.08 -26.74
N ALA A 121 2.81 14.59 -25.57
CA ALA A 121 2.26 13.38 -24.99
C ALA A 121 1.66 13.70 -23.63
N TYR A 122 0.53 13.07 -23.31
CA TYR A 122 -0.17 13.30 -22.07
C TYR A 122 -0.48 11.97 -21.42
N VAL A 123 -0.09 11.84 -20.17
CA VAL A 123 -0.34 10.65 -19.38
C VAL A 123 -1.40 10.98 -18.34
N GLY A 124 -2.54 10.30 -18.42
CA GLY A 124 -3.70 10.62 -17.59
C GLY A 124 -4.29 9.41 -16.90
N ASP A 125 -5.24 9.69 -15.99
CA ASP A 125 -5.83 8.67 -15.11
C ASP A 125 -7.36 8.78 -14.97
N ASP A 126 -7.92 9.94 -15.31
CA ASP A 126 -9.37 10.17 -15.13
C ASP A 126 -9.99 11.00 -16.26
N LEU A 127 -11.32 11.09 -16.26
CA LEU A 127 -12.06 11.72 -17.36
C LEU A 127 -11.76 13.21 -17.57
N ILE A 128 -11.44 13.91 -16.48
CA ILE A 128 -11.03 15.33 -16.55
C ILE A 128 -9.85 15.57 -17.52
N ASP A 129 -9.02 14.55 -17.72
CA ASP A 129 -7.85 14.62 -18.61
C ASP A 129 -8.19 14.50 -20.10
N TRP A 130 -9.35 13.95 -20.42
CA TRP A 130 -9.70 13.66 -21.82
C TRP A 130 -9.76 14.87 -22.76
N PRO A 131 -10.34 16.02 -22.31
CA PRO A 131 -10.31 17.19 -23.19
C PRO A 131 -8.91 17.53 -23.74
N VAL A 132 -7.88 17.35 -22.92
CA VAL A 132 -6.51 17.56 -23.37
C VAL A 132 -5.98 16.35 -24.15
N MET A 133 -6.16 15.16 -23.58
CA MET A 133 -5.68 13.93 -24.20
C MET A 133 -6.18 13.75 -25.64
N GLU A 134 -7.41 14.19 -25.89
CA GLU A 134 -8.04 14.14 -27.21
C GLU A 134 -7.25 14.91 -28.27
N LYS A 135 -6.45 15.88 -27.83
CA LYS A 135 -5.78 16.82 -28.72
C LYS A 135 -4.32 16.49 -29.03
N VAL A 136 -3.68 15.69 -28.17
CA VAL A 136 -2.23 15.46 -28.27
C VAL A 136 -1.84 14.39 -29.31
N GLY A 137 -0.54 14.33 -29.60
CA GLY A 137 -0.01 13.34 -30.54
C GLY A 137 0.00 11.93 -29.97
N LEU A 138 0.31 11.83 -28.69
CA LEU A 138 0.33 10.54 -28.00
C LEU A 138 -0.40 10.70 -26.67
N SER A 139 -1.61 10.17 -26.60
CA SER A 139 -2.37 10.10 -25.35
C SER A 139 -2.10 8.77 -24.68
N VAL A 140 -1.92 8.81 -23.36
CA VAL A 140 -1.60 7.63 -22.59
C VAL A 140 -2.48 7.56 -21.36
N ALA A 141 -3.09 6.39 -21.17
CA ALA A 141 -3.79 6.06 -19.95
C ALA A 141 -2.93 5.08 -19.15
N VAL A 142 -2.81 5.32 -17.84
CA VAL A 142 -2.15 4.38 -16.97
C VAL A 142 -3.02 3.12 -16.85
N ALA A 143 -2.38 2.01 -16.46
CA ALA A 143 -3.02 0.70 -16.41
C ALA A 143 -4.31 0.69 -15.60
N ASP A 144 -4.29 1.39 -14.47
CA ASP A 144 -5.43 1.40 -13.56
C ASP A 144 -6.20 2.73 -13.58
N ALA A 145 -6.20 3.40 -14.74
CA ALA A 145 -6.99 4.62 -14.96
C ALA A 145 -8.47 4.31 -14.89
N HIS A 146 -9.31 5.34 -14.91
CA HIS A 146 -10.75 5.17 -14.94
C HIS A 146 -11.13 4.32 -16.15
N PRO A 147 -12.00 3.31 -15.96
CA PRO A 147 -12.39 2.34 -17.00
C PRO A 147 -12.75 2.96 -18.36
N LEU A 148 -13.49 4.06 -18.35
CA LEU A 148 -13.92 4.74 -19.57
C LEU A 148 -12.79 5.46 -20.30
N LEU A 149 -11.71 5.77 -19.58
CA LEU A 149 -10.57 6.44 -20.20
C LEU A 149 -9.72 5.49 -21.03
N ILE A 150 -9.54 4.27 -20.52
CA ILE A 150 -8.64 3.27 -21.14
C ILE A 150 -8.81 3.03 -22.66
N PRO A 151 -10.04 2.74 -23.14
CA PRO A 151 -10.22 2.51 -24.59
C PRO A 151 -9.93 3.72 -25.48
N ARG A 152 -9.83 4.90 -24.88
CA ARG A 152 -9.69 6.15 -25.63
C ARG A 152 -8.25 6.50 -25.97
N ALA A 153 -7.29 6.04 -25.15
CA ALA A 153 -5.88 6.43 -25.30
C ALA A 153 -5.18 5.70 -26.45
N ASP A 154 -4.15 6.35 -27.00
CA ASP A 154 -3.30 5.71 -28.02
C ASP A 154 -2.53 4.54 -27.42
N TYR A 155 -2.15 4.68 -26.16
CA TYR A 155 -1.36 3.67 -25.46
C TYR A 155 -1.84 3.54 -24.01
N VAL A 156 -1.86 2.31 -23.51
CA VAL A 156 -2.19 2.01 -22.13
C VAL A 156 -0.99 1.31 -21.50
N THR A 157 -0.46 1.88 -20.41
CA THR A 157 0.72 1.33 -19.77
C THR A 157 0.42 -0.02 -19.16
N ARG A 158 1.46 -0.85 -19.03
CA ARG A 158 1.35 -2.11 -18.29
C ARG A 158 1.40 -1.84 -16.78
N ILE A 159 2.18 -0.84 -16.40
CA ILE A 159 2.37 -0.49 -15.00
C ILE A 159 1.31 0.50 -14.53
N ALA A 160 0.80 0.27 -13.33
CA ALA A 160 -0.21 1.10 -12.71
C ALA A 160 0.39 2.41 -12.22
N GLY A 161 -0.45 3.43 -12.07
CA GLY A 161 -0.01 4.74 -11.58
C GLY A 161 0.70 4.65 -10.24
N GLY A 162 1.76 5.43 -10.08
CA GLY A 162 2.55 5.47 -8.84
C GLY A 162 3.43 4.25 -8.63
N ARG A 163 3.39 3.31 -9.58
CA ARG A 163 4.14 2.07 -9.48
C ARG A 163 5.22 1.96 -10.56
N GLY A 164 5.29 2.94 -11.45
CA GLY A 164 6.29 2.97 -12.52
C GLY A 164 5.74 3.26 -13.92
N ALA A 165 4.50 3.71 -13.99
CA ALA A 165 3.84 4.01 -15.27
C ALA A 165 4.54 5.13 -16.03
N VAL A 166 5.04 6.12 -15.30
CA VAL A 166 5.76 7.26 -15.89
C VAL A 166 7.10 6.83 -16.45
N ARG A 167 7.82 5.99 -15.70
CA ARG A 167 9.08 5.39 -16.15
C ARG A 167 8.89 4.64 -17.47
N GLU A 168 7.79 3.89 -17.57
CA GLU A 168 7.45 3.13 -18.78
C GLU A 168 7.24 4.06 -19.98
N VAL A 169 6.57 5.20 -19.77
CA VAL A 169 6.33 6.16 -20.84
C VAL A 169 7.64 6.85 -21.26
N CYS A 170 8.45 7.23 -20.28
CA CYS A 170 9.76 7.80 -20.56
C CYS A 170 10.63 6.81 -21.31
N ASP A 171 10.62 5.55 -20.86
CA ASP A 171 11.38 4.49 -21.53
C ASP A 171 10.93 4.34 -22.99
N LEU A 172 9.62 4.41 -23.21
CA LEU A 172 9.05 4.34 -24.57
C LEU A 172 9.44 5.52 -25.46
N LEU A 173 9.41 6.73 -24.91
CA LEU A 173 9.79 7.93 -25.66
C LEU A 173 11.28 7.92 -26.05
N LEU A 174 12.13 7.46 -25.14
CA LEU A 174 13.56 7.39 -25.40
C LEU A 174 13.89 6.30 -26.44
N LEU A 175 13.18 5.18 -26.38
CA LEU A 175 13.35 4.12 -27.35
C LEU A 175 12.97 4.58 -28.75
N ALA A 176 11.84 5.27 -28.85
CA ALA A 176 11.35 5.77 -30.14
C ALA A 176 12.23 6.87 -30.74
N GLN A 177 12.92 7.62 -29.89
CA GLN A 177 13.80 8.71 -30.35
C GLN A 177 15.28 8.31 -30.34
N GLY A 178 15.52 7.01 -30.29
CA GLY A 178 16.87 6.43 -30.40
C GLY A 178 17.77 6.85 -29.26
N LYS A 179 17.30 6.65 -28.03
CA LYS A 179 18.06 6.97 -26.82
C LYS A 179 17.85 5.86 -25.78
N ALA B 6 -33.94 -8.23 -16.28
CA ALA B 6 -32.98 -7.55 -17.20
C ALA B 6 -31.68 -7.12 -16.48
N SER B 7 -30.69 -6.77 -17.28
CA SER B 7 -29.41 -6.29 -16.79
C SER B 7 -28.88 -5.24 -17.74
N LEU B 8 -27.95 -4.43 -17.27
CA LEU B 8 -27.47 -3.29 -18.03
C LEU B 8 -25.96 -3.14 -17.90
N ALA B 9 -25.30 -2.82 -19.01
CA ALA B 9 -23.86 -2.59 -19.01
C ALA B 9 -23.49 -1.28 -18.31
N THR B 10 -22.48 -1.34 -17.44
CA THR B 10 -21.81 -0.14 -16.93
C THR B 10 -20.32 -0.31 -17.22
N CYS B 11 -19.53 0.73 -17.00
CA CYS B 11 -18.09 0.64 -17.24
C CYS B 11 -17.34 -0.20 -16.20
N TYR B 12 -18.01 -0.59 -15.12
CA TYR B 12 -17.44 -1.48 -14.12
C TYR B 12 -17.92 -2.92 -14.27
N GLY B 13 -18.89 -3.14 -15.15
CA GLY B 13 -19.51 -4.44 -15.31
C GLY B 13 -21.02 -4.33 -15.32
N PRO B 14 -21.71 -5.40 -15.78
CA PRO B 14 -23.16 -5.43 -15.81
C PRO B 14 -23.81 -5.35 -14.43
N VAL B 15 -24.92 -4.62 -14.34
CA VAL B 15 -25.73 -4.49 -13.14
C VAL B 15 -27.17 -4.94 -13.40
N SER B 16 -27.87 -5.40 -12.36
CA SER B 16 -29.25 -5.83 -12.52
C SER B 16 -30.18 -4.62 -12.68
N ALA B 17 -31.31 -4.83 -13.36
CA ALA B 17 -32.32 -3.79 -13.53
C ALA B 17 -32.91 -3.35 -12.19
N ASP B 18 -32.89 -4.25 -11.21
CA ASP B 18 -33.39 -3.91 -9.87
C ASP B 18 -32.46 -2.93 -9.16
N VAL B 19 -31.15 -3.12 -9.29
CA VAL B 19 -30.18 -2.19 -8.75
C VAL B 19 -30.29 -0.83 -9.44
N MET B 20 -30.36 -0.87 -10.78
CA MET B 20 -30.52 0.36 -11.55
C MET B 20 -31.79 1.11 -11.15
N ALA B 21 -32.87 0.38 -10.92
CA ALA B 21 -34.16 0.98 -10.53
C ALA B 21 -34.06 1.67 -9.17
N LYS B 22 -33.39 1.02 -8.23
CA LYS B 22 -33.13 1.60 -6.91
C LYS B 22 -32.27 2.86 -7.00
N ALA B 23 -31.25 2.83 -7.85
CA ALA B 23 -30.34 3.97 -8.01
C ALA B 23 -30.98 5.21 -8.63
N GLU B 24 -32.03 5.01 -9.43
CA GLU B 24 -32.76 6.10 -10.07
C GLU B 24 -33.42 7.07 -9.08
N ASN B 25 -33.81 6.54 -7.92
CA ASN B 25 -34.55 7.30 -6.93
C ASN B 25 -33.70 7.92 -5.82
N ILE B 26 -32.39 7.80 -5.94
CA ILE B 26 -31.47 8.26 -4.90
C ILE B 26 -31.24 9.77 -4.91
N ARG B 27 -31.54 10.40 -3.79
CA ARG B 27 -31.37 11.84 -3.60
C ARG B 27 -30.28 12.09 -2.56
N LEU B 28 -29.89 11.04 -1.84
CA LEU B 28 -28.90 11.13 -0.78
C LEU B 28 -28.01 9.90 -0.73
N LEU B 29 -26.70 10.15 -0.77
CA LEU B 29 -25.70 9.10 -0.63
C LEU B 29 -25.00 9.27 0.70
N ILE B 30 -25.10 8.27 1.55
CA ILE B 30 -24.40 8.27 2.82
C ILE B 30 -23.17 7.37 2.74
N LEU B 31 -22.04 7.90 3.21
CA LEU B 31 -20.77 7.20 3.11
C LEU B 31 -20.12 7.01 4.45
N ASP B 32 -19.56 5.81 4.65
CA ASP B 32 -18.63 5.54 5.74
C ASP B 32 -17.28 6.19 5.45
N VAL B 33 -16.52 6.46 6.49
CA VAL B 33 -15.14 6.89 6.31
C VAL B 33 -14.23 5.65 6.15
N ASP B 34 -14.16 4.85 7.20
CA ASP B 34 -13.18 3.77 7.29
C ASP B 34 -13.52 2.58 6.40
N GLY B 35 -12.64 2.29 5.44
CA GLY B 35 -12.83 1.14 4.56
C GLY B 35 -13.74 1.41 3.38
N VAL B 36 -14.33 2.60 3.35
CA VAL B 36 -15.15 3.02 2.21
C VAL B 36 -14.48 4.21 1.51
N LEU B 37 -14.49 5.38 2.13
CA LEU B 37 -13.72 6.52 1.62
C LEU B 37 -12.23 6.30 1.81
N SER B 38 -11.86 5.61 2.88
CA SER B 38 -10.45 5.33 3.18
C SER B 38 -10.05 3.89 2.88
N ASP B 39 -8.74 3.65 2.85
CA ASP B 39 -8.22 2.31 2.58
C ASP B 39 -8.41 1.35 3.77
N GLY B 40 -9.02 1.84 4.84
CA GLY B 40 -9.35 1.01 6.00
C GLY B 40 -8.27 1.04 7.07
N LEU B 41 -7.18 1.76 6.79
CA LEU B 41 -6.04 1.83 7.69
C LEU B 41 -6.01 3.14 8.49
N ILE B 42 -5.33 3.10 9.62
CA ILE B 42 -5.08 4.29 10.42
C ILE B 42 -3.57 4.39 10.66
N TYR B 43 -2.97 5.45 10.13
CA TYR B 43 -1.54 5.68 10.20
C TYR B 43 -1.25 6.49 11.45
N MET B 44 -0.50 5.90 12.38
CA MET B 44 -0.24 6.52 13.68
C MET B 44 1.22 6.82 13.89
N GLY B 45 1.50 7.92 14.58
CA GLY B 45 2.87 8.38 14.79
C GLY B 45 3.29 8.46 16.24
N ASN B 46 4.59 8.36 16.46
CA ASN B 46 5.19 8.46 17.79
C ASN B 46 4.90 9.75 18.55
N ASN B 47 4.76 10.86 17.83
CA ASN B 47 4.38 12.10 18.51
C ASN B 47 2.96 12.57 18.19
N GLY B 48 2.05 11.60 18.13
CA GLY B 48 0.61 11.86 18.09
C GLY B 48 -0.04 12.04 16.73
N GLU B 49 0.70 11.78 15.66
CA GLU B 49 0.17 11.91 14.30
C GLU B 49 -0.88 10.84 14.04
N GLU B 50 -1.95 11.23 13.35
CA GLU B 50 -2.93 10.30 12.85
C GLU B 50 -3.26 10.68 11.42
N LEU B 51 -3.13 9.72 10.50
CA LEU B 51 -3.42 9.97 9.09
C LEU B 51 -4.31 8.90 8.50
N LYS B 52 -5.17 9.32 7.57
CA LYS B 52 -5.96 8.40 6.77
C LYS B 52 -5.79 8.75 5.31
N ALA B 53 -5.84 7.72 4.46
CA ALA B 53 -5.65 7.87 3.04
C ALA B 53 -7.00 7.89 2.33
N PHE B 54 -7.24 8.94 1.54
CA PHE B 54 -8.42 9.04 0.68
C PHE B 54 -7.98 8.87 -0.78
N ASN B 55 -8.95 8.68 -1.68
CA ASN B 55 -8.63 8.44 -3.08
C ASN B 55 -9.19 9.53 -3.98
N VAL B 56 -8.35 9.97 -4.91
CA VAL B 56 -8.67 11.06 -5.82
C VAL B 56 -9.82 10.74 -6.79
N ARG B 57 -9.97 9.47 -7.14
CA ARG B 57 -11.05 9.03 -7.99
C ARG B 57 -12.40 9.25 -7.34
N ASP B 58 -12.46 9.12 -6.01
CA ASP B 58 -13.69 9.32 -5.25
C ASP B 58 -14.16 10.77 -5.24
N GLY B 59 -13.21 11.69 -5.13
CA GLY B 59 -13.50 13.13 -5.04
C GLY B 59 -14.26 13.70 -6.22
N TYR B 60 -13.82 13.35 -7.43
CA TYR B 60 -14.48 13.81 -8.64
C TYR B 60 -15.91 13.30 -8.74
N GLY B 61 -16.14 12.06 -8.29
CA GLY B 61 -17.48 11.46 -8.27
C GLY B 61 -18.42 12.17 -7.33
N ILE B 62 -17.97 12.41 -6.10
CA ILE B 62 -18.76 13.10 -5.07
C ILE B 62 -19.21 14.49 -5.53
N ARG B 63 -18.30 15.26 -6.12
CA ARG B 63 -18.63 16.60 -6.62
C ARG B 63 -19.61 16.59 -7.79
N CYS B 64 -19.49 15.58 -8.64
CA CYS B 64 -20.48 15.35 -9.70
C CYS B 64 -21.84 15.06 -9.11
N ALA B 65 -21.86 14.16 -8.12
CA ALA B 65 -23.09 13.83 -7.39
C ALA B 65 -23.76 15.08 -6.79
N LEU B 66 -22.96 15.90 -6.10
CA LEU B 66 -23.46 17.10 -5.41
C LEU B 66 -24.00 18.16 -6.35
N THR B 67 -23.42 18.26 -7.54
CA THR B 67 -23.86 19.24 -8.53
C THR B 67 -24.98 18.68 -9.40
N SER B 68 -25.31 17.41 -9.18
CA SER B 68 -26.38 16.74 -9.93
C SER B 68 -27.57 16.30 -9.07
N ASP B 69 -27.90 17.10 -8.05
CA ASP B 69 -29.13 16.93 -7.24
C ASP B 69 -29.10 15.71 -6.32
N ILE B 70 -27.90 15.26 -5.96
CA ILE B 70 -27.72 14.19 -4.98
C ILE B 70 -26.91 14.71 -3.81
N GLU B 71 -27.53 14.85 -2.64
CA GLU B 71 -26.77 15.21 -1.45
C GLU B 71 -25.87 14.05 -1.01
N VAL B 72 -24.73 14.41 -0.44
CA VAL B 72 -23.76 13.43 0.05
C VAL B 72 -23.53 13.71 1.52
N ALA B 73 -23.61 12.66 2.34
CA ALA B 73 -23.42 12.81 3.78
C ALA B 73 -22.46 11.77 4.33
N ILE B 74 -21.87 12.08 5.48
CA ILE B 74 -20.96 11.19 6.17
C ILE B 74 -21.42 11.01 7.62
N ILE B 75 -21.60 9.75 8.02
CA ILE B 75 -21.86 9.41 9.41
C ILE B 75 -20.66 8.58 9.86
N THR B 76 -20.06 8.96 10.99
CA THR B 76 -18.84 8.30 11.46
C THR B 76 -18.78 8.13 12.97
N GLY B 77 -17.95 7.19 13.41
CA GLY B 77 -17.84 6.82 14.82
C GLY B 77 -17.20 7.84 15.75
N ARG B 78 -16.09 8.43 15.30
CA ARG B 78 -15.34 9.37 16.15
C ARG B 78 -15.03 10.69 15.43
N LYS B 79 -14.81 11.74 16.23
CA LYS B 79 -14.54 13.09 15.75
C LYS B 79 -13.08 13.24 15.32
N ALA B 80 -12.86 13.71 14.10
CA ALA B 80 -11.50 13.89 13.56
C ALA B 80 -11.39 15.10 12.64
N LYS B 81 -10.42 15.97 12.92
CA LYS B 81 -10.15 17.13 12.07
C LYS B 81 -9.91 16.76 10.61
N LEU B 82 -9.22 15.64 10.38
CA LEU B 82 -8.87 15.23 9.03
C LEU B 82 -10.11 14.96 8.17
N VAL B 83 -11.16 14.43 8.78
CA VAL B 83 -12.41 14.14 8.09
C VAL B 83 -13.17 15.44 7.83
N GLU B 84 -13.16 16.35 8.80
CA GLU B 84 -13.74 17.68 8.63
C GLU B 84 -13.09 18.40 7.45
N ASP B 85 -11.76 18.33 7.41
CA ASP B 85 -10.95 18.91 6.33
C ASP B 85 -11.29 18.28 4.98
N ARG B 86 -11.47 16.96 4.98
CA ARG B 86 -11.84 16.22 3.79
C ARG B 86 -13.21 16.63 3.23
N CYS B 87 -14.16 16.87 4.13
CA CYS B 87 -15.51 17.30 3.74
C CYS B 87 -15.56 18.72 3.19
N ALA B 88 -14.78 19.62 3.78
CA ALA B 88 -14.68 21.00 3.29
C ALA B 88 -14.16 21.03 1.86
N THR B 89 -13.12 20.24 1.60
CA THR B 89 -12.52 20.17 0.27
C THR B 89 -13.50 19.64 -0.78
N LEU B 90 -14.29 18.64 -0.42
CA LEU B 90 -15.22 18.02 -1.36
C LEU B 90 -16.56 18.75 -1.42
N GLY B 91 -16.85 19.55 -0.40
CA GLY B 91 -18.10 20.31 -0.34
C GLY B 91 -19.23 19.56 0.35
N ILE B 92 -18.87 18.57 1.17
CA ILE B 92 -19.85 17.82 1.95
C ILE B 92 -20.19 18.62 3.21
N THR B 93 -21.43 19.07 3.31
CA THR B 93 -21.87 19.89 4.43
C THR B 93 -22.54 19.06 5.53
N HIS B 94 -23.01 17.86 5.19
CA HIS B 94 -23.70 17.01 6.16
C HIS B 94 -22.79 15.94 6.73
N LEU B 95 -22.15 16.31 7.85
CA LEU B 95 -21.16 15.47 8.51
C LEU B 95 -21.57 15.20 9.96
N TYR B 96 -21.79 13.92 10.27
CA TYR B 96 -22.08 13.50 11.63
C TYR B 96 -20.86 12.79 12.19
N GLN B 97 -20.34 13.31 13.29
CA GLN B 97 -19.13 12.76 13.92
C GLN B 97 -19.39 12.36 15.35
N GLY B 98 -18.67 11.34 15.81
CA GLY B 98 -18.79 10.85 17.19
C GLY B 98 -20.13 10.19 17.39
N GLN B 99 -20.63 9.55 16.34
CA GLN B 99 -21.96 8.92 16.38
C GLN B 99 -21.83 7.45 16.76
N SER B 100 -22.17 7.15 18.02
CA SER B 100 -22.23 5.78 18.50
C SER B 100 -23.42 5.05 17.87
N ASN B 101 -24.58 5.72 17.83
CA ASN B 101 -25.78 5.16 17.22
C ASN B 101 -26.03 5.79 15.85
N LYS B 102 -25.74 5.02 14.80
CA LYS B 102 -25.86 5.51 13.43
C LYS B 102 -27.31 5.79 13.02
N LEU B 103 -28.25 5.15 13.73
CA LEU B 103 -29.68 5.32 13.46
C LEU B 103 -30.20 6.71 13.81
N ILE B 104 -29.66 7.31 14.87
CA ILE B 104 -30.06 8.65 15.30
C ILE B 104 -29.65 9.67 14.24
N ALA B 105 -28.36 9.68 13.89
CA ALA B 105 -27.85 10.50 12.81
C ALA B 105 -28.68 10.32 11.54
N PHE B 106 -28.98 9.06 11.20
CA PHE B 106 -29.80 8.72 10.05
C PHE B 106 -31.17 9.41 10.09
N SER B 107 -31.86 9.31 11.23
CA SER B 107 -33.14 9.98 11.43
C SER B 107 -33.06 11.51 11.31
N ASP B 108 -32.05 12.10 11.95
CA ASP B 108 -31.85 13.55 11.85
C ASP B 108 -31.58 13.96 10.41
N LEU B 109 -30.82 13.14 9.71
CA LEU B 109 -30.47 13.40 8.33
C LEU B 109 -31.70 13.43 7.43
N LEU B 110 -32.58 12.45 7.60
CA LEU B 110 -33.78 12.36 6.76
C LEU B 110 -34.77 13.46 7.07
N GLU B 111 -34.82 13.88 8.33
CA GLU B 111 -35.73 14.94 8.75
C GLU B 111 -35.23 16.31 8.34
N LYS B 112 -33.92 16.51 8.42
CA LYS B 112 -33.30 17.76 7.98
C LYS B 112 -33.50 17.98 6.47
N LEU B 113 -33.41 16.90 5.70
CA LEU B 113 -33.51 16.99 4.24
C LEU B 113 -34.87 16.63 3.66
N ALA B 114 -35.83 16.29 4.54
CA ALA B 114 -37.19 15.89 4.16
C ALA B 114 -37.22 14.79 3.09
N ILE B 115 -36.36 13.78 3.28
CA ILE B 115 -36.20 12.68 2.34
C ILE B 115 -36.70 11.36 2.93
N ALA B 116 -37.32 10.53 2.08
CA ALA B 116 -37.76 9.20 2.47
C ALA B 116 -36.61 8.19 2.37
N PRO B 117 -36.60 7.17 3.25
CA PRO B 117 -35.51 6.16 3.27
C PRO B 117 -35.24 5.48 1.91
N GLU B 118 -36.27 5.31 1.10
CA GLU B 118 -36.11 4.67 -0.22
C GLU B 118 -35.32 5.53 -1.21
N ASN B 119 -35.17 6.83 -0.91
CA ASN B 119 -34.38 7.74 -1.71
C ASN B 119 -32.94 7.86 -1.23
N VAL B 120 -32.53 6.92 -0.39
CA VAL B 120 -31.24 6.95 0.26
C VAL B 120 -30.40 5.73 -0.12
N ALA B 121 -29.13 5.98 -0.41
CA ALA B 121 -28.18 4.92 -0.61
C ALA B 121 -27.14 5.02 0.51
N TYR B 122 -26.64 3.87 0.95
CA TYR B 122 -25.63 3.82 2.00
C TYR B 122 -24.54 2.83 1.63
N VAL B 123 -23.30 3.28 1.78
CA VAL B 123 -22.13 2.48 1.45
C VAL B 123 -21.36 2.10 2.72
N GLY B 124 -21.21 0.79 2.96
CA GLY B 124 -20.58 0.31 4.17
C GLY B 124 -19.51 -0.74 3.93
N ASP B 125 -18.77 -1.06 4.97
CA ASP B 125 -17.72 -2.07 4.87
C ASP B 125 -17.70 -3.08 6.04
N ASP B 126 -18.48 -2.82 7.08
CA ASP B 126 -18.52 -3.72 8.25
C ASP B 126 -19.93 -3.96 8.78
N LEU B 127 -20.07 -4.88 9.72
CA LEU B 127 -21.38 -5.34 10.19
C LEU B 127 -22.18 -4.32 10.99
N ILE B 128 -21.48 -3.34 11.57
CA ILE B 128 -22.11 -2.23 12.29
C ILE B 128 -22.96 -1.34 11.37
N ASP B 129 -22.64 -1.36 10.08
CA ASP B 129 -23.33 -0.56 9.08
C ASP B 129 -24.69 -1.13 8.72
N TRP B 130 -24.87 -2.42 8.97
CA TRP B 130 -26.08 -3.12 8.54
C TRP B 130 -27.41 -2.54 9.04
N PRO B 131 -27.51 -2.20 10.36
CA PRO B 131 -28.77 -1.63 10.87
C PRO B 131 -29.28 -0.44 10.07
N VAL B 132 -28.37 0.41 9.60
CA VAL B 132 -28.75 1.55 8.76
C VAL B 132 -28.94 1.13 7.29
N MET B 133 -28.02 0.32 6.77
CA MET B 133 -28.11 -0.19 5.38
C MET B 133 -29.41 -0.93 5.07
N GLU B 134 -29.97 -1.57 6.10
CA GLU B 134 -31.21 -2.34 5.97
C GLU B 134 -32.44 -1.45 5.76
N LYS B 135 -32.36 -0.21 6.23
CA LYS B 135 -33.48 0.71 6.12
C LYS B 135 -33.51 1.51 4.80
N VAL B 136 -32.40 1.55 4.09
CA VAL B 136 -32.27 2.42 2.89
C VAL B 136 -32.75 1.75 1.58
N GLY B 137 -32.98 2.57 0.55
CA GLY B 137 -33.42 2.08 -0.76
C GLY B 137 -32.35 1.31 -1.52
N LEU B 138 -31.09 1.74 -1.38
CA LEU B 138 -29.97 1.05 -2.03
C LEU B 138 -28.78 0.82 -1.09
N SER B 139 -28.63 -0.41 -0.61
CA SER B 139 -27.50 -0.78 0.24
C SER B 139 -26.30 -1.22 -0.61
N VAL B 140 -25.13 -0.68 -0.30
CA VAL B 140 -23.91 -1.02 -1.02
C VAL B 140 -22.80 -1.48 -0.09
N ALA B 141 -22.19 -2.62 -0.42
CA ALA B 141 -20.97 -3.06 0.26
C ALA B 141 -19.78 -2.98 -0.70
N VAL B 142 -18.67 -2.41 -0.23
CA VAL B 142 -17.45 -2.35 -1.04
C VAL B 142 -16.89 -3.77 -1.23
N ALA B 143 -16.11 -3.97 -2.30
CA ALA B 143 -15.61 -5.29 -2.70
C ALA B 143 -14.87 -6.04 -1.59
N ASP B 144 -14.18 -5.30 -0.73
CA ASP B 144 -13.42 -5.91 0.37
C ASP B 144 -14.08 -5.63 1.74
N ALA B 145 -15.40 -5.47 1.73
CA ALA B 145 -16.16 -5.39 2.97
C ALA B 145 -16.04 -6.70 3.74
N HIS B 146 -16.47 -6.70 5.00
CA HIS B 146 -16.53 -7.94 5.78
C HIS B 146 -17.35 -8.98 5.01
N PRO B 147 -16.89 -10.25 4.97
CA PRO B 147 -17.54 -11.28 4.19
C PRO B 147 -19.01 -11.51 4.53
N LEU B 148 -19.40 -11.23 5.77
CA LEU B 148 -20.80 -11.42 6.18
C LEU B 148 -21.72 -10.28 5.73
N LEU B 149 -21.15 -9.13 5.41
CA LEU B 149 -21.92 -7.99 4.89
C LEU B 149 -22.22 -8.13 3.40
N ILE B 150 -21.25 -8.65 2.64
CA ILE B 150 -21.33 -8.72 1.17
C ILE B 150 -22.64 -9.32 0.61
N PRO B 151 -23.05 -10.53 1.05
CA PRO B 151 -24.29 -11.12 0.53
C PRO B 151 -25.58 -10.36 0.85
N ARG B 152 -25.57 -9.57 1.92
CA ARG B 152 -26.74 -8.80 2.35
C ARG B 152 -27.02 -7.56 1.49
N ALA B 153 -25.98 -7.00 0.88
CA ALA B 153 -26.10 -5.74 0.13
C ALA B 153 -26.82 -5.90 -1.22
N ASP B 154 -27.61 -4.90 -1.60
CA ASP B 154 -28.21 -4.84 -2.94
C ASP B 154 -27.13 -4.89 -4.00
N TYR B 155 -26.05 -4.13 -3.78
CA TYR B 155 -24.93 -4.00 -4.71
C TYR B 155 -23.57 -4.10 -4.03
N VAL B 156 -22.69 -4.93 -4.61
CA VAL B 156 -21.31 -5.02 -4.17
C VAL B 156 -20.45 -4.39 -5.24
N THR B 157 -19.66 -3.38 -4.88
CA THR B 157 -18.79 -2.74 -5.86
C THR B 157 -17.70 -3.71 -6.32
N ARG B 158 -17.24 -3.51 -7.56
CA ARG B 158 -16.08 -4.23 -8.07
C ARG B 158 -14.80 -3.68 -7.45
N ILE B 159 -14.81 -2.39 -7.12
CA ILE B 159 -13.61 -1.71 -6.63
C ILE B 159 -13.53 -1.68 -5.09
N ALA B 160 -12.33 -1.87 -4.55
CA ALA B 160 -12.11 -1.91 -3.11
C ALA B 160 -12.22 -0.53 -2.47
N GLY B 161 -12.64 -0.49 -1.20
CA GLY B 161 -12.76 0.77 -0.45
C GLY B 161 -11.45 1.53 -0.45
N GLY B 162 -11.53 2.84 -0.66
CA GLY B 162 -10.34 3.69 -0.78
C GLY B 162 -9.60 3.57 -2.11
N ARG B 163 -10.18 2.88 -3.09
CA ARG B 163 -9.55 2.71 -4.41
C ARG B 163 -10.45 3.14 -5.57
N GLY B 164 -11.60 3.73 -5.26
CA GLY B 164 -12.55 4.15 -6.30
C GLY B 164 -13.90 3.47 -6.18
N ALA B 165 -14.17 2.83 -5.05
CA ALA B 165 -15.48 2.22 -4.80
C ALA B 165 -16.56 3.28 -4.72
N VAL B 166 -16.22 4.43 -4.13
CA VAL B 166 -17.17 5.54 -4.01
C VAL B 166 -17.44 6.14 -5.38
N ARG B 167 -16.40 6.22 -6.22
CA ARG B 167 -16.57 6.69 -7.59
C ARG B 167 -17.51 5.77 -8.37
N GLU B 168 -17.29 4.47 -8.25
CA GLU B 168 -18.14 3.45 -8.88
C GLU B 168 -19.62 3.65 -8.51
N VAL B 169 -19.90 3.93 -7.24
CA VAL B 169 -21.26 4.19 -6.77
C VAL B 169 -21.82 5.51 -7.32
N CYS B 170 -21.00 6.56 -7.29
CA CYS B 170 -21.39 7.84 -7.89
C CYS B 170 -21.69 7.67 -9.38
N ASP B 171 -20.85 6.90 -10.07
CA ASP B 171 -21.03 6.63 -11.50
C ASP B 171 -22.33 5.87 -11.76
N LEU B 172 -22.66 4.94 -10.87
CA LEU B 172 -23.90 4.16 -10.96
C LEU B 172 -25.14 5.04 -10.82
N LEU B 173 -25.16 5.87 -9.78
CA LEU B 173 -26.28 6.76 -9.51
C LEU B 173 -26.51 7.72 -10.66
N LEU B 174 -25.42 8.27 -11.19
CA LEU B 174 -25.48 9.22 -12.27
C LEU B 174 -25.94 8.54 -13.56
N LEU B 175 -25.42 7.34 -13.82
CA LEU B 175 -25.86 6.55 -14.95
C LEU B 175 -27.37 6.28 -14.90
N ALA B 176 -27.85 5.81 -13.74
CA ALA B 176 -29.26 5.45 -13.56
C ALA B 176 -30.20 6.64 -13.75
N GLN B 177 -29.69 7.83 -13.47
CA GLN B 177 -30.48 9.05 -13.53
C GLN B 177 -30.26 9.85 -14.82
N GLY B 178 -29.53 9.25 -15.77
CA GLY B 178 -29.23 9.89 -17.06
C GLY B 178 -28.30 11.09 -17.01
N LYS B 179 -27.26 11.03 -16.18
CA LYS B 179 -26.39 12.18 -15.92
C LYS B 179 -24.88 11.94 -16.09
N LEU B 180 -24.47 10.68 -16.24
CA LEU B 180 -23.07 10.35 -16.46
C LEU B 180 -22.61 10.90 -17.81
N ALA C 6 -16.07 -33.35 11.28
CA ALA C 6 -14.77 -32.79 11.76
C ALA C 6 -14.31 -31.57 10.95
N SER C 7 -15.26 -30.90 10.29
CA SER C 7 -14.94 -29.70 9.50
C SER C 7 -16.12 -28.73 9.39
N LEU C 8 -15.90 -27.48 9.78
CA LEU C 8 -16.97 -26.49 9.94
C LEU C 8 -16.82 -25.27 9.05
N ALA C 9 -17.94 -24.79 8.50
CA ALA C 9 -17.95 -23.61 7.65
C ALA C 9 -17.79 -22.30 8.44
N THR C 10 -16.88 -21.44 8.00
CA THR C 10 -16.80 -20.07 8.50
C THR C 10 -16.90 -19.13 7.30
N CYS C 11 -17.12 -17.84 7.58
CA CYS C 11 -17.23 -16.85 6.51
C CYS C 11 -15.90 -16.58 5.78
N TYR C 12 -14.81 -17.20 6.25
CA TYR C 12 -13.51 -17.14 5.57
C TYR C 12 -13.19 -18.46 4.86
N GLY C 13 -14.11 -19.41 4.94
CA GLY C 13 -13.86 -20.76 4.45
C GLY C 13 -13.92 -21.78 5.58
N PRO C 14 -13.90 -23.07 5.23
CA PRO C 14 -14.00 -24.11 6.25
C PRO C 14 -12.77 -24.21 7.16
N VAL C 15 -12.99 -24.45 8.44
CA VAL C 15 -11.91 -24.80 9.36
C VAL C 15 -12.17 -26.19 9.96
N SER C 16 -11.10 -26.85 10.38
CA SER C 16 -11.22 -28.17 10.99
C SER C 16 -11.83 -28.08 12.38
N ALA C 17 -12.45 -29.17 12.82
CA ALA C 17 -13.06 -29.23 14.15
C ALA C 17 -12.00 -29.18 15.24
N ASP C 18 -10.79 -29.64 14.93
CA ASP C 18 -9.67 -29.56 15.89
C ASP C 18 -9.30 -28.10 16.17
N VAL C 19 -9.18 -27.30 15.11
CA VAL C 19 -8.95 -25.86 15.26
C VAL C 19 -10.11 -25.20 16.04
N MET C 20 -11.34 -25.60 15.72
CA MET C 20 -12.51 -25.01 16.38
C MET C 20 -12.59 -25.42 17.86
N ALA C 21 -12.26 -26.68 18.15
CA ALA C 21 -12.19 -27.16 19.54
C ALA C 21 -11.13 -26.40 20.33
N LYS C 22 -9.96 -26.20 19.72
CA LYS C 22 -8.87 -25.41 20.31
C LYS C 22 -9.29 -23.96 20.61
N ALA C 23 -9.98 -23.35 19.66
CA ALA C 23 -10.40 -21.95 19.76
C ALA C 23 -11.40 -21.75 20.88
N GLU C 24 -12.23 -22.76 21.11
CA GLU C 24 -13.24 -22.73 22.16
C GLU C 24 -12.63 -22.56 23.57
N ASN C 25 -11.42 -23.08 23.77
CA ASN C 25 -10.72 -23.03 25.05
C ASN C 25 -9.88 -21.77 25.32
N ILE C 26 -9.87 -20.83 24.38
CA ILE C 26 -8.97 -19.66 24.42
C ILE C 26 -9.47 -18.58 25.38
N ARG C 27 -8.61 -18.20 26.32
CA ARG C 27 -8.92 -17.15 27.29
C ARG C 27 -7.98 -15.95 27.09
N LEU C 28 -6.86 -16.19 26.38
CA LEU C 28 -5.88 -15.15 26.07
C LEU C 28 -5.44 -15.19 24.59
N LEU C 29 -5.63 -14.07 23.90
CA LEU C 29 -5.14 -13.91 22.54
C LEU C 29 -3.91 -13.02 22.55
N ILE C 30 -2.81 -13.54 22.04
CA ILE C 30 -1.55 -12.80 21.97
C ILE C 30 -1.23 -12.43 20.53
N LEU C 31 -0.80 -11.19 20.33
CA LEU C 31 -0.54 -10.68 18.98
C LEU C 31 0.84 -10.07 18.87
N ASP C 32 1.47 -10.28 17.71
CA ASP C 32 2.58 -9.46 17.26
C ASP C 32 2.00 -8.11 16.89
N VAL C 33 2.85 -7.09 16.75
CA VAL C 33 2.43 -5.87 16.09
C VAL C 33 2.77 -5.96 14.61
N ASP C 34 4.07 -5.96 14.32
CA ASP C 34 4.56 -5.83 12.95
C ASP C 34 4.36 -7.11 12.14
N GLY C 35 3.60 -6.99 11.05
CA GLY C 35 3.26 -8.12 10.21
C GLY C 35 1.96 -8.81 10.58
N VAL C 36 1.37 -8.39 11.71
CA VAL C 36 0.11 -8.97 12.18
C VAL C 36 -0.97 -7.89 12.33
N LEU C 37 -0.70 -6.90 13.17
CA LEU C 37 -1.55 -5.72 13.29
C LEU C 37 -1.24 -4.68 12.22
N SER C 38 -0.02 -4.71 11.69
CA SER C 38 0.38 -3.89 10.57
C SER C 38 0.85 -4.80 9.44
N ASP C 39 1.13 -4.23 8.27
CA ASP C 39 1.60 -5.04 7.12
C ASP C 39 3.12 -5.27 7.11
N GLY C 40 3.81 -4.77 8.13
CA GLY C 40 5.26 -4.98 8.25
C GLY C 40 6.10 -3.74 8.03
N LEU C 41 5.50 -2.69 7.46
CA LEU C 41 6.20 -1.47 7.09
C LEU C 41 6.39 -0.49 8.24
N ILE C 42 7.60 0.09 8.30
CA ILE C 42 7.93 1.17 9.24
C ILE C 42 8.28 2.41 8.42
N TYR C 43 7.48 3.46 8.55
CA TYR C 43 7.71 4.73 7.84
C TYR C 43 8.60 5.61 8.71
N MET C 44 9.69 6.11 8.14
CA MET C 44 10.66 6.89 8.89
C MET C 44 11.04 8.19 8.18
N GLY C 45 11.11 9.28 8.94
CA GLY C 45 11.41 10.61 8.41
C GLY C 45 12.74 11.17 8.82
N ASN C 46 13.12 12.29 8.22
CA ASN C 46 14.44 12.90 8.44
C ASN C 46 14.63 13.66 9.75
N ASN C 47 13.56 13.85 10.52
CA ASN C 47 13.75 14.20 11.93
C ASN C 47 12.83 13.45 12.90
N GLY C 48 13.09 12.15 13.01
CA GLY C 48 12.50 11.32 14.05
C GLY C 48 11.08 10.85 13.84
N GLU C 49 10.43 11.32 12.77
CA GLU C 49 9.07 10.87 12.47
C GLU C 49 9.08 9.35 12.20
N GLU C 50 8.22 8.64 12.92
CA GLU C 50 7.97 7.22 12.67
C GLU C 50 6.46 6.96 12.67
N LEU C 51 6.00 6.27 11.63
CA LEU C 51 4.60 5.89 11.53
C LEU C 51 4.42 4.38 11.39
N LYS C 52 3.26 3.89 11.82
CA LYS C 52 2.82 2.55 11.51
C LYS C 52 1.35 2.60 11.11
N ALA C 53 0.94 1.69 10.25
CA ALA C 53 -0.44 1.65 9.78
C ALA C 53 -1.19 0.48 10.40
N PHE C 54 -2.22 0.81 11.17
CA PHE C 54 -3.09 -0.20 11.77
C PHE C 54 -4.39 -0.35 11.01
N ASN C 55 -4.99 -1.53 11.10
CA ASN C 55 -6.25 -1.82 10.42
C ASN C 55 -7.44 -1.55 11.36
N VAL C 56 -8.41 -0.78 10.90
CA VAL C 56 -9.55 -0.42 11.77
C VAL C 56 -10.52 -1.59 12.03
N ARG C 57 -10.62 -2.52 11.08
CA ARG C 57 -11.49 -3.68 11.26
C ARG C 57 -10.94 -4.64 12.30
N ASP C 58 -9.61 -4.72 12.43
CA ASP C 58 -8.97 -5.47 13.52
C ASP C 58 -9.34 -4.90 14.88
N GLY C 59 -9.48 -3.58 14.95
CA GLY C 59 -9.77 -2.89 16.20
C GLY C 59 -11.13 -3.25 16.75
N TYR C 60 -12.10 -3.38 15.85
CA TYR C 60 -13.44 -3.84 16.23
C TYR C 60 -13.39 -5.27 16.71
N GLY C 61 -12.59 -6.09 16.02
CA GLY C 61 -12.33 -7.46 16.45
C GLY C 61 -11.80 -7.50 17.86
N ILE C 62 -10.80 -6.66 18.14
CA ILE C 62 -10.17 -6.60 19.46
C ILE C 62 -11.15 -6.13 20.54
N ARG C 63 -11.89 -5.06 20.24
CA ARG C 63 -12.97 -4.58 21.12
C ARG C 63 -13.98 -5.68 21.45
N CYS C 64 -14.37 -6.46 20.44
CA CYS C 64 -15.33 -7.55 20.61
C CYS C 64 -14.80 -8.66 21.50
N ALA C 65 -13.55 -9.05 21.28
CA ALA C 65 -12.89 -10.06 22.10
C ALA C 65 -12.82 -9.64 23.55
N LEU C 66 -12.44 -8.38 23.78
CA LEU C 66 -12.27 -7.85 25.14
C LEU C 66 -13.59 -7.80 25.91
N THR C 67 -14.66 -7.35 25.26
CA THR C 67 -15.99 -7.35 25.87
C THR C 67 -16.59 -8.76 25.96
N SER C 68 -15.92 -9.74 25.37
CA SER C 68 -16.40 -11.13 25.39
C SER C 68 -15.54 -12.06 26.26
N ASP C 69 -14.87 -11.50 27.27
CA ASP C 69 -14.09 -12.27 28.25
C ASP C 69 -12.86 -12.94 27.67
N ILE C 70 -12.35 -12.39 26.57
CA ILE C 70 -11.09 -12.87 26.00
C ILE C 70 -10.06 -11.76 26.13
N GLU C 71 -9.08 -11.97 27.01
CA GLU C 71 -8.01 -11.03 27.17
C GLU C 71 -7.12 -10.97 25.94
N VAL C 72 -6.65 -9.76 25.63
CA VAL C 72 -5.81 -9.54 24.49
C VAL C 72 -4.50 -8.93 24.97
N ALA C 73 -3.39 -9.57 24.59
CA ALA C 73 -2.07 -9.09 24.96
C ALA C 73 -1.22 -8.90 23.71
N ILE C 74 -0.20 -8.07 23.83
CA ILE C 74 0.71 -7.79 22.72
C ILE C 74 2.16 -7.96 23.19
N ILE C 75 2.91 -8.76 22.44
CA ILE C 75 4.34 -8.94 22.71
C ILE C 75 5.13 -8.53 21.47
N THR C 76 5.84 -7.41 21.58
CA THR C 76 6.60 -6.88 20.46
C THR C 76 8.08 -6.63 20.80
N GLY C 77 8.93 -6.73 19.78
CA GLY C 77 10.38 -6.51 19.91
C GLY C 77 10.80 -5.05 19.90
N ARG C 78 9.91 -4.19 19.41
CA ARG C 78 10.16 -2.75 19.33
C ARG C 78 9.48 -1.97 20.46
N LYS C 79 10.01 -0.79 20.73
CA LYS C 79 9.38 0.16 21.66
C LYS C 79 8.95 1.39 20.87
N ALA C 80 7.67 1.71 20.94
CA ALA C 80 7.12 2.85 20.21
C ALA C 80 5.90 3.39 20.95
N LYS C 81 5.88 4.71 21.14
CA LYS C 81 4.77 5.40 21.79
C LYS C 81 3.46 5.28 20.99
N LEU C 82 3.58 5.12 19.68
CA LEU C 82 2.42 4.98 18.81
C LEU C 82 1.68 3.67 19.07
N VAL C 83 2.44 2.65 19.48
CA VAL C 83 1.90 1.35 19.86
C VAL C 83 1.22 1.47 21.22
N GLU C 84 1.82 2.25 22.13
CA GLU C 84 1.21 2.56 23.42
C GLU C 84 -0.12 3.28 23.20
N ASP C 85 -0.14 4.24 22.27
CA ASP C 85 -1.36 4.97 21.89
C ASP C 85 -2.43 4.03 21.31
N ARG C 86 -2.03 3.16 20.40
CA ARG C 86 -2.96 2.23 19.77
C ARG C 86 -3.63 1.32 20.81
N CYS C 87 -2.80 0.73 21.68
CA CYS C 87 -3.27 -0.09 22.79
C CYS C 87 -4.20 0.65 23.75
N ALA C 88 -3.82 1.88 24.11
CA ALA C 88 -4.60 2.70 25.04
C ALA C 88 -5.94 3.11 24.46
N THR C 89 -5.98 3.33 23.15
CA THR C 89 -7.22 3.67 22.45
C THR C 89 -8.17 2.47 22.31
N LEU C 90 -7.62 1.27 22.24
CA LEU C 90 -8.42 0.04 22.10
C LEU C 90 -8.77 -0.62 23.43
N GLY C 91 -8.07 -0.26 24.49
CA GLY C 91 -8.32 -0.85 25.80
C GLY C 91 -7.47 -2.07 26.09
N ILE C 92 -6.41 -2.26 25.32
CA ILE C 92 -5.43 -3.32 25.59
C ILE C 92 -4.45 -2.84 26.68
N THR C 93 -4.33 -3.63 27.74
CA THR C 93 -3.45 -3.27 28.85
C THR C 93 -2.15 -4.09 28.86
N HIS C 94 -2.28 -5.37 28.55
CA HIS C 94 -1.12 -6.26 28.51
C HIS C 94 -0.27 -6.01 27.25
N LEU C 95 0.48 -4.91 27.28
CA LEU C 95 1.46 -4.60 26.25
C LEU C 95 2.87 -4.91 26.72
N TYR C 96 3.62 -5.63 25.90
CA TYR C 96 5.01 -5.96 26.20
C TYR C 96 5.89 -5.49 25.05
N GLN C 97 6.71 -4.48 25.33
CA GLN C 97 7.55 -3.86 24.34
C GLN C 97 9.02 -4.23 24.54
N GLY C 98 9.80 -4.17 23.45
CA GLY C 98 11.23 -4.42 23.51
C GLY C 98 11.59 -5.83 23.96
N GLN C 99 10.73 -6.78 23.62
CA GLN C 99 10.93 -8.18 24.00
C GLN C 99 11.74 -8.91 22.93
N SER C 100 12.96 -9.30 23.28
CA SER C 100 13.80 -10.10 22.40
C SER C 100 13.39 -11.57 22.46
N ASN C 101 13.39 -12.12 23.67
CA ASN C 101 12.90 -13.46 23.93
C ASN C 101 11.44 -13.41 24.39
N LYS C 102 10.52 -13.75 23.48
CA LYS C 102 9.09 -13.63 23.77
C LYS C 102 8.54 -14.64 24.81
N LEU C 103 9.38 -15.60 25.21
CA LEU C 103 9.01 -16.60 26.21
C LEU C 103 8.85 -16.03 27.62
N ILE C 104 9.60 -14.97 27.92
CA ILE C 104 9.56 -14.33 29.24
C ILE C 104 8.18 -13.71 29.50
N ALA C 105 7.71 -12.90 28.56
CA ALA C 105 6.41 -12.25 28.65
C ALA C 105 5.27 -13.27 28.68
N PHE C 106 5.41 -14.32 27.87
CA PHE C 106 4.45 -15.43 27.82
C PHE C 106 4.27 -16.08 29.18
N SER C 107 5.37 -16.39 29.86
CA SER C 107 5.35 -16.97 31.22
C SER C 107 4.78 -16.00 32.25
N ASP C 108 5.14 -14.72 32.11
CA ASP C 108 4.56 -13.68 32.92
C ASP C 108 3.03 -13.62 32.78
N LEU C 109 2.54 -13.66 31.53
CA LEU C 109 1.11 -13.64 31.26
C LEU C 109 0.36 -14.84 31.85
N LEU C 110 0.93 -16.04 31.69
CA LEU C 110 0.36 -17.27 32.26
C LEU C 110 0.17 -17.18 33.76
N GLU C 111 1.12 -16.58 34.46
CA GLU C 111 1.07 -16.44 35.92
C GLU C 111 0.08 -15.35 36.35
N LYS C 112 0.12 -14.20 35.69
CA LYS C 112 -0.75 -13.07 36.04
C LYS C 112 -2.23 -13.33 35.75
N LEU C 113 -2.50 -14.17 34.76
CA LEU C 113 -3.88 -14.48 34.39
C LEU C 113 -4.36 -15.81 34.95
N ALA C 114 -3.46 -16.52 35.66
CA ALA C 114 -3.72 -17.86 36.22
C ALA C 114 -4.25 -18.79 35.13
N ILE C 115 -3.48 -18.89 34.06
CA ILE C 115 -3.94 -19.51 32.84
C ILE C 115 -2.90 -20.53 32.37
N ALA C 116 -3.37 -21.58 31.71
CA ALA C 116 -2.50 -22.61 31.18
C ALA C 116 -2.18 -22.35 29.71
N PRO C 117 -1.00 -22.77 29.22
CA PRO C 117 -0.62 -22.64 27.82
C PRO C 117 -1.72 -23.03 26.81
N GLU C 118 -2.56 -24.02 27.14
CA GLU C 118 -3.65 -24.45 26.27
C GLU C 118 -4.81 -23.45 26.16
N ASN C 119 -4.84 -22.46 27.05
CA ASN C 119 -5.86 -21.42 27.02
C ASN C 119 -5.40 -20.21 26.23
N VAL C 120 -4.25 -20.33 25.57
CA VAL C 120 -3.64 -19.21 24.87
C VAL C 120 -3.62 -19.42 23.36
N ALA C 121 -3.95 -18.36 22.64
CA ALA C 121 -3.77 -18.29 21.19
C ALA C 121 -2.69 -17.25 20.86
N TYR C 122 -1.90 -17.51 19.83
CA TYR C 122 -0.84 -16.61 19.40
C TYR C 122 -0.89 -16.42 17.89
N VAL C 123 -0.97 -15.15 17.46
CA VAL C 123 -0.92 -14.79 16.05
C VAL C 123 0.45 -14.19 15.74
N GLY C 124 1.23 -14.90 14.93
CA GLY C 124 2.56 -14.47 14.54
C GLY C 124 2.81 -14.44 13.05
N ASP C 125 3.95 -13.88 12.65
CA ASP C 125 4.29 -13.80 11.24
C ASP C 125 5.75 -14.17 10.95
N ASP C 126 6.57 -14.32 11.98
CA ASP C 126 7.99 -14.62 11.79
C ASP C 126 8.53 -15.63 12.81
N LEU C 127 9.67 -16.24 12.47
CA LEU C 127 10.23 -17.37 13.24
C LEU C 127 10.57 -17.06 14.70
N ILE C 128 10.80 -15.80 15.03
CA ILE C 128 11.06 -15.39 16.41
C ILE C 128 9.83 -15.64 17.32
N ASP C 129 8.65 -15.75 16.69
CA ASP C 129 7.39 -16.06 17.39
C ASP C 129 7.23 -17.56 17.71
N TRP C 130 7.97 -18.41 17.00
CA TRP C 130 7.76 -19.85 17.06
C TRP C 130 8.01 -20.54 18.41
N PRO C 131 9.06 -20.15 19.16
CA PRO C 131 9.22 -20.70 20.51
C PRO C 131 7.98 -20.57 21.39
N VAL C 132 7.27 -19.45 21.30
CA VAL C 132 6.02 -19.28 22.03
C VAL C 132 4.88 -20.03 21.35
N MET C 133 4.76 -19.85 20.03
CA MET C 133 3.74 -20.52 19.22
C MET C 133 3.70 -22.03 19.42
N GLU C 134 4.88 -22.64 19.54
CA GLU C 134 5.02 -24.08 19.77
C GLU C 134 4.30 -24.55 21.04
N LYS C 135 4.15 -23.65 22.00
CA LYS C 135 3.66 -24.01 23.34
C LYS C 135 2.18 -23.74 23.58
N VAL C 136 1.58 -22.89 22.76
CA VAL C 136 0.20 -22.42 23.00
C VAL C 136 -0.89 -23.37 22.50
N GLY C 137 -2.12 -23.15 22.97
CA GLY C 137 -3.27 -23.94 22.53
C GLY C 137 -3.64 -23.75 21.07
N LEU C 138 -3.57 -22.52 20.58
CA LEU C 138 -3.88 -22.22 19.18
C LEU C 138 -2.85 -21.28 18.56
N SER C 139 -1.96 -21.84 17.75
CA SER C 139 -0.96 -21.07 17.03
C SER C 139 -1.51 -20.70 15.66
N VAL C 140 -1.34 -19.44 15.30
CA VAL C 140 -1.85 -18.90 14.05
C VAL C 140 -0.74 -18.15 13.30
N ALA C 141 -0.55 -18.52 12.03
CA ALA C 141 0.26 -17.74 11.12
C ALA C 141 -0.67 -16.93 10.23
N VAL C 142 -0.31 -15.67 9.99
CA VAL C 142 -1.06 -14.86 9.02
C VAL C 142 -0.72 -15.37 7.62
N ALA C 143 -1.51 -14.95 6.64
CA ALA C 143 -1.42 -15.44 5.26
C ALA C 143 -0.04 -15.23 4.65
N ASP C 144 0.53 -14.05 4.86
CA ASP C 144 1.85 -13.74 4.33
C ASP C 144 2.93 -13.74 5.40
N ALA C 145 2.85 -14.70 6.32
CA ALA C 145 3.92 -14.91 7.28
C ALA C 145 5.13 -15.48 6.55
N HIS C 146 6.30 -15.43 7.20
CA HIS C 146 7.49 -16.11 6.70
C HIS C 146 7.10 -17.53 6.27
N PRO C 147 7.59 -17.97 5.09
CA PRO C 147 7.22 -19.28 4.54
C PRO C 147 7.43 -20.49 5.46
N LEU C 148 8.45 -20.47 6.32
CA LEU C 148 8.70 -21.61 7.21
C LEU C 148 7.76 -21.70 8.41
N LEU C 149 7.16 -20.56 8.78
CA LEU C 149 6.22 -20.54 9.90
C LEU C 149 4.87 -21.12 9.52
N ILE C 150 4.47 -20.89 8.26
CA ILE C 150 3.14 -21.28 7.78
C ILE C 150 2.75 -22.75 8.05
N PRO C 151 3.60 -23.73 7.68
CA PRO C 151 3.19 -25.13 7.91
C PRO C 151 3.16 -25.52 9.38
N ARG C 152 3.78 -24.69 10.22
CA ARG C 152 3.94 -25.01 11.64
C ARG C 152 2.72 -24.67 12.48
N ALA C 153 1.86 -23.80 11.96
CA ALA C 153 0.71 -23.32 12.71
C ALA C 153 -0.48 -24.27 12.63
N ASP C 154 -1.32 -24.25 13.67
CA ASP C 154 -2.59 -24.97 13.67
C ASP C 154 -3.54 -24.37 12.63
N TYR C 155 -3.50 -23.05 12.50
CA TYR C 155 -4.38 -22.32 11.60
C TYR C 155 -3.60 -21.23 10.86
N VAL C 156 -3.83 -21.15 9.55
CA VAL C 156 -3.29 -20.08 8.72
C VAL C 156 -4.43 -19.17 8.26
N THR C 157 -4.34 -17.88 8.55
CA THR C 157 -5.41 -16.96 8.16
C THR C 157 -5.50 -16.81 6.65
N ARG C 158 -6.70 -16.54 6.16
CA ARG C 158 -6.91 -16.26 4.76
C ARG C 158 -6.52 -14.83 4.44
N ILE C 159 -6.61 -13.96 5.44
CA ILE C 159 -6.29 -12.54 5.30
C ILE C 159 -4.86 -12.24 5.78
N ALA C 160 -4.19 -11.34 5.06
CA ALA C 160 -2.81 -10.98 5.34
C ALA C 160 -2.66 -10.07 6.57
N GLY C 161 -1.46 -10.07 7.15
CA GLY C 161 -1.15 -9.21 8.28
C GLY C 161 -1.42 -7.75 7.96
N GLY C 162 -2.12 -7.09 8.88
CA GLY C 162 -2.49 -5.68 8.73
C GLY C 162 -3.61 -5.42 7.74
N ARG C 163 -4.28 -6.48 7.30
CA ARG C 163 -5.40 -6.34 6.36
C ARG C 163 -6.71 -6.89 6.93
N GLY C 164 -6.70 -7.31 8.19
CA GLY C 164 -7.87 -7.96 8.79
C GLY C 164 -7.60 -9.37 9.31
N ALA C 165 -6.32 -9.73 9.43
CA ALA C 165 -5.92 -11.04 9.93
C ALA C 165 -6.36 -11.24 11.38
N VAL C 166 -6.23 -10.19 12.18
CA VAL C 166 -6.65 -10.21 13.58
C VAL C 166 -8.16 -10.28 13.72
N ARG C 167 -8.88 -9.56 12.86
CA ARG C 167 -10.33 -9.64 12.83
C ARG C 167 -10.79 -11.07 12.55
N GLU C 168 -10.14 -11.73 11.59
CA GLU C 168 -10.44 -13.11 11.26
C GLU C 168 -10.29 -14.04 12.48
N VAL C 169 -9.18 -13.90 13.21
CA VAL C 169 -8.93 -14.74 14.39
C VAL C 169 -9.94 -14.46 15.50
N CYS C 170 -10.16 -13.17 15.78
CA CYS C 170 -11.20 -12.74 16.71
C CYS C 170 -12.57 -13.31 16.32
N ASP C 171 -12.91 -13.26 15.04
CA ASP C 171 -14.16 -13.83 14.55
C ASP C 171 -14.25 -15.32 14.84
N LEU C 172 -13.13 -16.03 14.64
CA LEU C 172 -13.05 -17.47 14.87
C LEU C 172 -13.26 -17.82 16.35
N LEU C 173 -12.54 -17.13 17.24
CA LEU C 173 -12.68 -17.36 18.69
C LEU C 173 -14.12 -17.18 19.18
N LEU C 174 -14.75 -16.09 18.74
CA LEU C 174 -16.11 -15.78 19.12
C LEU C 174 -17.14 -16.74 18.52
N LEU C 175 -16.86 -17.25 17.33
CA LEU C 175 -17.70 -18.28 16.72
C LEU C 175 -17.61 -19.59 17.53
N ALA C 176 -16.39 -19.96 17.94
CA ALA C 176 -16.16 -21.21 18.67
C ALA C 176 -16.70 -21.16 20.09
N GLN C 177 -16.72 -19.97 20.68
CA GLN C 177 -17.17 -19.82 22.07
C GLN C 177 -18.61 -19.33 22.19
N GLY C 178 -19.36 -19.42 21.08
CA GLY C 178 -20.78 -19.04 21.04
C GLY C 178 -21.06 -17.54 21.04
N LYS C 179 -20.07 -16.75 21.44
CA LYS C 179 -20.25 -15.31 21.70
C LYS C 179 -20.32 -14.40 20.46
N LEU C 180 -19.94 -14.93 19.30
CA LEU C 180 -19.78 -14.18 18.03
C LEU C 180 -20.48 -12.80 17.99
N ALA D 6 21.87 -30.17 -8.80
CA ALA D 6 21.90 -29.09 -9.84
C ALA D 6 20.90 -27.98 -9.50
N SER D 7 19.94 -28.30 -8.63
CA SER D 7 19.03 -27.33 -8.04
C SER D 7 18.66 -27.78 -6.63
N LEU D 8 18.37 -26.83 -5.75
CA LEU D 8 18.03 -27.13 -4.36
C LEU D 8 16.78 -26.39 -3.90
N ALA D 9 16.04 -27.01 -2.98
CA ALA D 9 14.86 -26.39 -2.38
C ALA D 9 15.24 -25.34 -1.33
N THR D 10 14.61 -24.17 -1.42
CA THR D 10 14.63 -23.17 -0.35
C THR D 10 13.18 -22.85 0.03
N CYS D 11 12.98 -22.11 1.10
CA CYS D 11 11.61 -21.80 1.52
C CYS D 11 10.86 -20.85 0.58
N TYR D 12 11.60 -20.21 -0.31
CA TYR D 12 11.02 -19.32 -1.33
C TYR D 12 10.89 -20.00 -2.70
N GLY D 13 11.45 -21.21 -2.82
CA GLY D 13 11.43 -21.93 -4.07
C GLY D 13 12.81 -22.47 -4.42
N PRO D 14 12.86 -23.40 -5.39
CA PRO D 14 14.13 -24.00 -5.81
C PRO D 14 15.09 -22.97 -6.41
N VAL D 15 16.38 -23.16 -6.17
CA VAL D 15 17.44 -22.35 -6.78
C VAL D 15 18.46 -23.29 -7.43
N SER D 16 19.24 -22.77 -8.37
CA SER D 16 20.25 -23.57 -9.03
C SER D 16 21.45 -23.82 -8.10
N ALA D 17 22.24 -24.85 -8.40
CA ALA D 17 23.46 -25.12 -7.65
C ALA D 17 24.50 -24.00 -7.80
N ASP D 18 24.54 -23.35 -8.96
CA ASP D 18 25.48 -22.26 -9.23
C ASP D 18 25.23 -21.07 -8.32
N VAL D 19 23.95 -20.73 -8.11
CA VAL D 19 23.56 -19.67 -7.20
C VAL D 19 23.90 -19.99 -5.75
N MET D 20 23.73 -21.27 -5.36
CA MET D 20 24.10 -21.73 -4.01
C MET D 20 25.60 -21.66 -3.77
N ALA D 21 26.36 -22.05 -4.79
CA ALA D 21 27.82 -22.04 -4.74
C ALA D 21 28.37 -20.62 -4.63
N LYS D 22 27.68 -19.68 -5.27
CA LYS D 22 28.05 -18.27 -5.17
C LYS D 22 27.71 -17.72 -3.78
N ALA D 23 26.56 -18.15 -3.25
CA ALA D 23 26.07 -17.67 -1.96
C ALA D 23 26.91 -18.17 -0.78
N GLU D 24 27.47 -19.38 -0.91
CA GLU D 24 28.38 -19.94 0.09
C GLU D 24 29.64 -19.11 0.33
N ASN D 25 30.03 -18.34 -0.68
CA ASN D 25 31.30 -17.59 -0.64
C ASN D 25 31.16 -16.12 -0.22
N ILE D 26 29.93 -15.70 0.10
CA ILE D 26 29.65 -14.28 0.36
C ILE D 26 30.05 -13.84 1.77
N ARG D 27 30.89 -12.81 1.82
CA ARG D 27 31.34 -12.21 3.07
C ARG D 27 30.82 -10.77 3.20
N LEU D 28 30.29 -10.22 2.11
CA LEU D 28 29.69 -8.88 2.13
C LEU D 28 28.43 -8.77 1.27
N LEU D 29 27.36 -8.28 1.90
CA LEU D 29 26.11 -8.04 1.22
C LEU D 29 25.91 -6.53 1.10
N ILE D 30 25.86 -6.06 -0.14
CA ILE D 30 25.62 -4.64 -0.39
C ILE D 30 24.19 -4.42 -0.84
N LEU D 31 23.51 -3.51 -0.15
CA LEU D 31 22.12 -3.22 -0.38
C LEU D 31 21.91 -1.79 -0.82
N ASP D 32 20.92 -1.59 -1.69
CA ASP D 32 20.42 -0.26 -2.01
C ASP D 32 19.28 0.07 -1.08
N VAL D 33 18.98 1.36 -0.95
CA VAL D 33 17.82 1.78 -0.20
C VAL D 33 16.58 1.70 -1.07
N ASP D 34 16.46 2.63 -2.03
CA ASP D 34 15.23 2.77 -2.82
C ASP D 34 14.92 1.53 -3.66
N GLY D 35 13.76 0.92 -3.40
CA GLY D 35 13.32 -0.22 -4.19
C GLY D 35 13.82 -1.57 -3.70
N VAL D 36 14.72 -1.57 -2.74
CA VAL D 36 15.30 -2.80 -2.21
C VAL D 36 14.95 -2.94 -0.72
N LEU D 37 15.48 -2.05 0.11
CA LEU D 37 15.07 -1.97 1.52
C LEU D 37 13.71 -1.29 1.68
N SER D 38 13.47 -0.25 0.86
CA SER D 38 12.19 0.45 0.84
C SER D 38 11.26 -0.07 -0.26
N ASP D 39 9.98 0.29 -0.19
CA ASP D 39 9.00 -0.09 -1.22
C ASP D 39 9.15 0.65 -2.57
N GLY D 40 10.22 1.44 -2.71
CA GLY D 40 10.48 2.18 -3.97
C GLY D 40 9.77 3.53 -4.05
N LEU D 41 9.01 3.84 -3.00
CA LEU D 41 8.24 5.08 -2.94
C LEU D 41 8.90 6.10 -2.04
N ILE D 42 8.58 7.36 -2.28
CA ILE D 42 8.96 8.45 -1.39
C ILE D 42 7.70 9.20 -0.95
N TYR D 43 7.47 9.24 0.36
CA TYR D 43 6.28 9.86 0.92
C TYR D 43 6.61 11.29 1.30
N MET D 44 5.97 12.23 0.61
CA MET D 44 6.31 13.64 0.75
C MET D 44 5.13 14.48 1.20
N GLY D 45 5.39 15.42 2.11
CA GLY D 45 4.33 16.26 2.66
C GLY D 45 4.51 17.75 2.47
N ASN D 46 3.47 18.51 2.83
CA ASN D 46 3.47 19.97 2.73
C ASN D 46 4.32 20.69 3.77
N ASN D 47 4.63 20.00 4.88
CA ASN D 47 5.58 20.52 5.87
C ASN D 47 7.01 20.21 5.44
N GLY D 48 7.15 19.56 4.30
CA GLY D 48 8.46 19.12 3.80
C GLY D 48 8.89 17.76 4.34
N GLU D 49 7.96 17.02 4.94
CA GLU D 49 8.25 15.67 5.43
C GLU D 49 8.75 14.83 4.27
N GLU D 50 9.70 13.95 4.57
CA GLU D 50 10.14 12.93 3.64
C GLU D 50 10.18 11.64 4.43
N LEU D 51 9.30 10.70 4.10
CA LEU D 51 9.35 9.36 4.71
C LEU D 51 9.58 8.27 3.68
N LYS D 52 10.34 7.26 4.11
CA LYS D 52 10.50 6.03 3.34
C LYS D 52 10.06 4.88 4.22
N ALA D 53 9.48 3.85 3.61
CA ALA D 53 8.92 2.72 4.35
C ALA D 53 9.87 1.54 4.33
N PHE D 54 10.22 1.04 5.51
CA PHE D 54 11.09 -0.13 5.62
C PHE D 54 10.28 -1.30 6.14
N ASN D 55 10.76 -2.52 5.90
CA ASN D 55 10.02 -3.71 6.27
C ASN D 55 10.71 -4.45 7.40
N VAL D 56 9.90 -4.81 8.41
CA VAL D 56 10.37 -5.50 9.61
C VAL D 56 10.99 -6.88 9.32
N ARG D 57 10.49 -7.53 8.28
CA ARG D 57 11.00 -8.82 7.84
C ARG D 57 12.48 -8.78 7.48
N ASP D 58 12.90 -7.69 6.84
CA ASP D 58 14.28 -7.53 6.36
C ASP D 58 15.31 -7.34 7.47
N GLY D 59 14.94 -6.60 8.50
CA GLY D 59 15.87 -6.29 9.60
C GLY D 59 16.30 -7.48 10.42
N TYR D 60 15.37 -8.39 10.66
CA TYR D 60 15.70 -9.64 11.33
C TYR D 60 16.73 -10.42 10.52
N GLY D 61 16.54 -10.45 9.20
CA GLY D 61 17.49 -11.08 8.29
C GLY D 61 18.86 -10.45 8.35
N ILE D 62 18.88 -9.10 8.33
CA ILE D 62 20.13 -8.34 8.39
C ILE D 62 20.91 -8.59 9.69
N ARG D 63 20.20 -8.64 10.82
CA ARG D 63 20.83 -8.87 12.12
C ARG D 63 21.42 -10.28 12.22
N CYS D 64 20.74 -11.24 11.59
CA CYS D 64 21.23 -12.62 11.51
C CYS D 64 22.47 -12.72 10.66
N ALA D 65 22.48 -12.00 9.53
CA ALA D 65 23.62 -11.95 8.64
C ALA D 65 24.84 -11.39 9.37
N LEU D 66 24.66 -10.25 10.04
CA LEU D 66 25.75 -9.55 10.73
C LEU D 66 26.36 -10.39 11.86
N THR D 67 25.52 -11.16 12.54
CA THR D 67 25.99 -12.05 13.61
C THR D 67 26.60 -13.35 13.06
N SER D 68 26.38 -13.64 11.79
CA SER D 68 26.90 -14.85 11.16
C SER D 68 28.05 -14.60 10.18
N ASP D 69 28.92 -13.65 10.55
CA ASP D 69 30.15 -13.34 9.81
C ASP D 69 29.90 -12.93 8.34
N ILE D 70 28.78 -12.24 8.13
CA ILE D 70 28.49 -11.61 6.85
C ILE D 70 28.29 -10.13 7.12
N GLU D 71 29.18 -9.29 6.57
CA GLU D 71 29.03 -7.85 6.71
C GLU D 71 27.95 -7.32 5.78
N VAL D 72 27.23 -6.31 6.26
CA VAL D 72 26.18 -5.68 5.49
C VAL D 72 26.54 -4.21 5.24
N ALA D 73 26.52 -3.81 3.98
CA ALA D 73 26.73 -2.41 3.64
C ALA D 73 25.56 -1.85 2.85
N ILE D 74 25.47 -0.52 2.84
CA ILE D 74 24.48 0.19 2.05
C ILE D 74 25.17 1.31 1.27
N ILE D 75 24.93 1.33 -0.04
CA ILE D 75 25.36 2.43 -0.91
C ILE D 75 24.13 3.09 -1.52
N THR D 76 24.02 4.41 -1.30
CA THR D 76 22.84 5.16 -1.72
C THR D 76 23.23 6.53 -2.30
N GLY D 77 22.46 6.99 -3.30
CA GLY D 77 22.79 8.18 -4.07
C GLY D 77 22.54 9.52 -3.40
N ARG D 78 21.67 9.51 -2.39
CA ARG D 78 21.33 10.75 -1.66
C ARG D 78 21.79 10.71 -0.18
N LYS D 79 21.58 11.82 0.53
CA LYS D 79 21.93 11.94 1.95
C LYS D 79 20.67 12.23 2.75
N ALA D 80 20.37 11.34 3.69
CA ALA D 80 19.16 11.44 4.49
C ALA D 80 19.40 10.92 5.89
N LYS D 81 18.97 11.67 6.89
CA LYS D 81 19.07 11.23 8.28
C LYS D 81 18.27 9.95 8.54
N LEU D 82 17.09 9.84 7.92
CA LEU D 82 16.25 8.64 8.09
C LEU D 82 17.01 7.36 7.74
N VAL D 83 17.89 7.44 6.74
CA VAL D 83 18.75 6.33 6.33
C VAL D 83 19.85 6.05 7.36
N GLU D 84 20.44 7.12 7.91
CA GLU D 84 21.36 7.01 9.05
C GLU D 84 20.69 6.33 10.23
N ASP D 85 19.47 6.77 10.54
CA ASP D 85 18.70 6.23 11.68
C ASP D 85 18.40 4.76 11.49
N ARG D 86 18.17 4.37 10.25
CA ARG D 86 17.82 3.00 9.93
C ARG D 86 19.01 2.07 10.16
N CYS D 87 20.19 2.49 9.71
CA CYS D 87 21.42 1.70 9.85
C CYS D 87 21.83 1.52 11.31
N ALA D 88 21.81 2.61 12.08
CA ALA D 88 22.08 2.57 13.52
C ALA D 88 21.21 1.51 14.20
N THR D 89 19.92 1.55 13.93
CA THR D 89 18.96 0.55 14.41
C THR D 89 19.33 -0.89 13.99
N LEU D 90 19.79 -1.07 12.76
CA LEU D 90 20.09 -2.40 12.22
C LEU D 90 21.49 -2.92 12.57
N GLY D 91 22.37 -2.03 13.02
CA GLY D 91 23.75 -2.38 13.34
C GLY D 91 24.68 -2.24 12.14
N ILE D 92 24.22 -1.54 11.11
CA ILE D 92 25.00 -1.33 9.89
C ILE D 92 25.98 -0.16 10.05
N THR D 93 27.27 -0.46 9.99
CA THR D 93 28.32 0.54 10.20
C THR D 93 28.99 0.94 8.90
N HIS D 94 28.59 0.31 7.81
CA HIS D 94 29.13 0.63 6.49
C HIS D 94 28.05 1.28 5.62
N LEU D 95 27.87 2.58 5.81
CA LEU D 95 26.88 3.36 5.10
C LEU D 95 27.57 4.38 4.20
N TYR D 96 27.18 4.38 2.93
CA TYR D 96 27.74 5.28 1.94
C TYR D 96 26.61 6.10 1.32
N GLN D 97 26.51 7.36 1.73
CA GLN D 97 25.46 8.24 1.24
C GLN D 97 26.02 9.26 0.27
N GLY D 98 25.17 9.72 -0.65
CA GLY D 98 25.58 10.67 -1.67
C GLY D 98 26.56 10.09 -2.67
N GLN D 99 26.45 8.78 -2.91
CA GLN D 99 27.34 8.10 -3.84
C GLN D 99 26.80 8.11 -5.27
N SER D 100 27.33 9.03 -6.06
CA SER D 100 27.08 9.06 -7.51
C SER D 100 27.79 7.85 -8.15
N ASN D 101 29.11 7.77 -7.92
CA ASN D 101 29.95 6.69 -8.44
C ASN D 101 30.07 5.52 -7.46
N LYS D 102 29.23 4.50 -7.65
CA LYS D 102 29.14 3.38 -6.72
C LYS D 102 30.39 2.50 -6.66
N LEU D 103 31.18 2.53 -7.73
CA LEU D 103 32.42 1.72 -7.80
C LEU D 103 33.48 2.17 -6.81
N ILE D 104 33.50 3.48 -6.52
CA ILE D 104 34.39 4.05 -5.50
C ILE D 104 34.10 3.41 -4.15
N ALA D 105 32.83 3.40 -3.77
CA ALA D 105 32.39 2.79 -2.53
C ALA D 105 32.69 1.30 -2.51
N PHE D 106 32.55 0.67 -3.67
CA PHE D 106 32.84 -0.74 -3.86
C PHE D 106 34.32 -1.05 -3.64
N SER D 107 35.20 -0.23 -4.21
CA SER D 107 36.64 -0.41 -4.04
C SER D 107 37.06 -0.16 -2.60
N ASP D 108 36.52 0.91 -2.00
CA ASP D 108 36.75 1.20 -0.59
C ASP D 108 36.37 0.02 0.30
N LEU D 109 35.17 -0.53 0.07
CA LEU D 109 34.70 -1.68 0.83
C LEU D 109 35.63 -2.89 0.70
N LEU D 110 36.08 -3.15 -0.52
CA LEU D 110 36.91 -4.31 -0.79
C LEU D 110 38.28 -4.22 -0.15
N GLU D 111 38.87 -3.03 -0.14
CA GLU D 111 40.18 -2.82 0.48
C GLU D 111 40.07 -2.79 2.00
N LYS D 112 38.97 -2.21 2.49
CA LYS D 112 38.69 -2.07 3.92
C LYS D 112 38.44 -3.40 4.63
N LEU D 113 37.87 -4.37 3.92
CA LEU D 113 37.54 -5.67 4.52
C LEU D 113 38.46 -6.82 4.06
N ALA D 114 39.43 -6.50 3.21
CA ALA D 114 40.39 -7.49 2.66
C ALA D 114 39.66 -8.64 1.99
N ILE D 115 38.84 -8.26 1.01
CA ILE D 115 37.88 -9.16 0.39
C ILE D 115 38.01 -9.09 -1.13
N ALA D 116 37.63 -10.15 -1.82
CA ALA D 116 37.64 -10.19 -3.27
C ALA D 116 36.22 -9.96 -3.82
N PRO D 117 36.10 -9.43 -5.06
CA PRO D 117 34.80 -9.20 -5.67
C PRO D 117 33.88 -10.42 -5.61
N GLU D 118 34.47 -11.62 -5.69
CA GLU D 118 33.72 -12.87 -5.68
C GLU D 118 33.01 -13.13 -4.35
N ASN D 119 33.46 -12.45 -3.30
CA ASN D 119 32.91 -12.61 -1.95
C ASN D 119 31.79 -11.61 -1.69
N VAL D 120 31.36 -10.90 -2.73
CA VAL D 120 30.40 -9.82 -2.57
C VAL D 120 29.08 -10.13 -3.27
N ALA D 121 27.99 -9.90 -2.55
CA ALA D 121 26.66 -9.94 -3.14
C ALA D 121 26.06 -8.53 -3.20
N TYR D 122 25.27 -8.26 -4.23
CA TYR D 122 24.69 -6.94 -4.43
C TYR D 122 23.25 -7.06 -4.88
N VAL D 123 22.35 -6.41 -4.16
CA VAL D 123 20.93 -6.41 -4.49
C VAL D 123 20.54 -5.03 -5.04
N GLY D 124 20.08 -5.02 -6.28
CA GLY D 124 19.68 -3.77 -6.96
C GLY D 124 18.27 -3.85 -7.53
N ASP D 125 17.81 -2.74 -8.12
CA ASP D 125 16.45 -2.69 -8.66
C ASP D 125 16.29 -1.83 -9.92
N ASP D 126 17.34 -1.10 -10.29
CA ASP D 126 17.33 -0.30 -11.51
C ASP D 126 18.66 -0.40 -12.25
N LEU D 127 18.77 0.26 -13.39
CA LEU D 127 19.93 0.12 -14.28
C LEU D 127 21.22 0.78 -13.76
N ILE D 128 21.06 1.79 -12.90
CA ILE D 128 22.19 2.43 -12.21
C ILE D 128 23.00 1.46 -11.34
N ASP D 129 22.35 0.37 -10.94
CA ASP D 129 22.95 -0.65 -10.11
C ASP D 129 23.88 -1.57 -10.91
N TRP D 130 23.69 -1.60 -12.22
CA TRP D 130 24.36 -2.63 -13.01
C TRP D 130 25.90 -2.63 -13.02
N PRO D 131 26.53 -1.45 -13.17
CA PRO D 131 28.01 -1.42 -13.23
C PRO D 131 28.68 -2.12 -12.05
N VAL D 132 28.11 -1.96 -10.86
CA VAL D 132 28.59 -2.68 -9.67
C VAL D 132 28.21 -4.16 -9.72
N MET D 133 26.95 -4.44 -10.05
CA MET D 133 26.44 -5.81 -10.15
C MET D 133 27.23 -6.69 -11.11
N GLU D 134 27.76 -6.08 -12.18
CA GLU D 134 28.61 -6.80 -13.15
C GLU D 134 29.88 -7.35 -12.50
N LYS D 135 30.34 -6.72 -11.42
CA LYS D 135 31.60 -7.08 -10.79
C LYS D 135 31.50 -8.12 -9.68
N VAL D 136 30.33 -8.27 -9.09
CA VAL D 136 30.18 -9.03 -7.86
C VAL D 136 30.07 -10.54 -8.07
N GLY D 137 30.21 -11.31 -6.98
CA GLY D 137 30.11 -12.76 -7.02
C GLY D 137 28.68 -13.22 -7.20
N LEU D 138 27.76 -12.54 -6.50
CA LEU D 138 26.34 -12.82 -6.58
C LEU D 138 25.54 -11.54 -6.81
N SER D 139 25.02 -11.38 -8.02
CA SER D 139 24.16 -10.25 -8.32
C SER D 139 22.71 -10.65 -8.15
N VAL D 140 21.95 -9.79 -7.48
CA VAL D 140 20.55 -10.06 -7.20
C VAL D 140 19.65 -8.90 -7.66
N ALA D 141 18.57 -9.24 -8.34
CA ALA D 141 17.52 -8.29 -8.66
C ALA D 141 16.27 -8.65 -7.88
N VAL D 142 15.63 -7.64 -7.29
CA VAL D 142 14.38 -7.84 -6.58
C VAL D 142 13.27 -8.17 -7.58
N ALA D 143 12.21 -8.83 -7.12
CA ALA D 143 11.13 -9.30 -8.00
C ALA D 143 10.53 -8.21 -8.88
N ASP D 144 10.38 -7.00 -8.32
CA ASP D 144 9.82 -5.87 -9.07
C ASP D 144 10.89 -4.89 -9.53
N ALA D 145 12.10 -5.39 -9.77
CA ALA D 145 13.16 -4.59 -10.39
C ALA D 145 12.74 -4.17 -11.80
N HIS D 146 13.43 -3.17 -12.35
CA HIS D 146 13.22 -2.76 -13.74
C HIS D 146 13.34 -3.98 -14.65
N PRO D 147 12.43 -4.12 -15.64
CA PRO D 147 12.38 -5.26 -16.56
C PRO D 147 13.71 -5.60 -17.24
N LEU D 148 14.54 -4.59 -17.50
CA LEU D 148 15.79 -4.81 -18.21
C LEU D 148 16.93 -5.34 -17.33
N LEU D 149 16.80 -5.14 -16.01
CA LEU D 149 17.80 -5.62 -15.06
C LEU D 149 17.58 -7.08 -14.67
N ILE D 150 16.32 -7.49 -14.60
CA ILE D 150 15.94 -8.84 -14.19
C ILE D 150 16.72 -9.97 -14.89
N PRO D 151 16.81 -9.96 -16.24
CA PRO D 151 17.51 -11.05 -16.93
C PRO D 151 19.02 -11.12 -16.72
N ARG D 152 19.65 -10.00 -16.32
CA ARG D 152 21.10 -9.92 -16.11
C ARG D 152 21.58 -10.52 -14.79
N ALA D 153 20.71 -10.52 -13.78
CA ALA D 153 21.10 -10.92 -12.43
C ALA D 153 21.28 -12.43 -12.27
N ASP D 154 22.23 -12.83 -11.43
CA ASP D 154 22.44 -14.24 -11.09
C ASP D 154 21.18 -14.83 -10.45
N TYR D 155 20.53 -14.04 -9.58
CA TYR D 155 19.32 -14.45 -8.87
C TYR D 155 18.28 -13.33 -8.88
N VAL D 156 17.04 -13.69 -9.20
CA VAL D 156 15.89 -12.79 -9.05
C VAL D 156 15.07 -13.29 -7.86
N THR D 157 14.78 -12.42 -6.90
CA THR D 157 14.01 -12.82 -5.71
C THR D 157 12.54 -13.03 -6.06
N ARG D 158 11.86 -13.84 -5.26
CA ARG D 158 10.42 -14.02 -5.44
C ARG D 158 9.62 -12.88 -4.80
N ILE D 159 10.22 -12.25 -3.79
CA ILE D 159 9.59 -11.19 -3.03
C ILE D 159 10.05 -9.83 -3.56
N ALA D 160 9.13 -8.87 -3.61
CA ALA D 160 9.41 -7.53 -4.10
C ALA D 160 10.16 -6.69 -3.07
N GLY D 161 10.84 -5.65 -3.55
CA GLY D 161 11.51 -4.68 -2.68
C GLY D 161 10.59 -4.11 -1.61
N GLY D 162 11.14 -3.95 -0.41
CA GLY D 162 10.38 -3.45 0.73
C GLY D 162 9.32 -4.40 1.27
N ARG D 163 9.24 -5.62 0.74
CA ARG D 163 8.28 -6.61 1.22
C ARG D 163 8.96 -7.85 1.79
N GLY D 164 10.28 -7.84 1.81
CA GLY D 164 11.03 -8.95 2.38
C GLY D 164 12.01 -9.59 1.42
N ALA D 165 12.33 -8.86 0.35
CA ALA D 165 13.29 -9.35 -0.63
C ALA D 165 14.68 -9.50 -0.02
N VAL D 166 15.07 -8.55 0.83
CA VAL D 166 16.37 -8.61 1.48
C VAL D 166 16.42 -9.79 2.45
N ARG D 167 15.33 -10.00 3.19
CA ARG D 167 15.20 -11.18 4.04
C ARG D 167 15.44 -12.45 3.24
N GLU D 168 14.81 -12.53 2.07
CA GLU D 168 14.99 -13.67 1.15
C GLU D 168 16.47 -13.92 0.83
N VAL D 169 17.19 -12.84 0.53
CA VAL D 169 18.61 -12.93 0.18
C VAL D 169 19.45 -13.35 1.39
N CYS D 170 19.14 -12.78 2.55
CA CYS D 170 19.76 -13.18 3.81
C CYS D 170 19.51 -14.65 4.13
N ASP D 171 18.23 -15.06 4.07
CA ASP D 171 17.85 -16.46 4.23
C ASP D 171 18.66 -17.37 3.31
N LEU D 172 18.87 -16.93 2.07
CA LEU D 172 19.59 -17.67 1.06
C LEU D 172 21.07 -17.85 1.40
N LEU D 173 21.71 -16.75 1.77
CA LEU D 173 23.13 -16.74 2.11
C LEU D 173 23.42 -17.61 3.32
N LEU D 174 22.57 -17.51 4.34
CA LEU D 174 22.73 -18.32 5.54
C LEU D 174 22.54 -19.81 5.24
N LEU D 175 21.49 -20.12 4.46
CA LEU D 175 21.23 -21.50 4.05
C LEU D 175 22.44 -22.09 3.35
N ALA D 176 22.99 -21.34 2.41
CA ALA D 176 24.14 -21.78 1.64
C ALA D 176 25.38 -22.00 2.50
N GLN D 177 25.48 -21.24 3.60
CA GLN D 177 26.66 -21.28 4.46
C GLN D 177 26.44 -22.15 5.71
N GLY D 178 25.35 -22.91 5.70
CA GLY D 178 25.01 -23.83 6.80
C GLY D 178 24.58 -23.18 8.10
N LYS D 179 24.08 -21.95 8.04
CA LYS D 179 23.70 -21.21 9.26
C LYS D 179 22.23 -20.80 9.27
N LEU D 180 21.36 -21.57 8.62
CA LEU D 180 19.92 -21.24 8.60
C LEU D 180 19.15 -22.16 9.53
#